data_2CFO
#
_entry.id   2CFO
#
_cell.length_a   36.149
_cell.length_b   99.603
_cell.length_c   182.407
_cell.angle_alpha   90.00
_cell.angle_beta   91.71
_cell.angle_gamma   90.00
#
_symmetry.space_group_name_H-M   'P 1 21 1'
#
loop_
_entity.id
_entity.type
_entity.pdbx_description
1 polymer 'GLUTAMYL-TRNA SYNTHETASE'
2 non-polymer 'GLUTAMIC ACID'
3 water water
#
_entity_poly.entity_id   1
_entity_poly.type   'polypeptide(L)'
_entity_poly.pdbx_seq_one_letter_code
;TVRVRLAPSPTGNLHIGTARTAVFNWLYARHRGGKFILRIEDTDRERSRPEYTENILEGLQWLGLTWDEGPYFQSDRLDL
YRQAIQTLLDKGLAYYCYCTPEELEALRAEQKAKGQAPRYDNRHRHLTPEEQAAFEAAGRTPVIRFKIEDDRQIEWQDLV
RGRVSWQGADLGGDMVIARAAPRGEIGYPLYNLVVVVDDIAMGITDVIRGEDHIGNTPKQILLYEALGATPPNFAHTPLI
LNSTGQKLSKRDGVTSISDFRAMGYLAPALANYMTLLGWSPPEGVGELFTLDLAAKHFSFERINKAGARFDWDKLNWLNR
QYIQQLEPEEFLAELIPLWQGAGYAFDEERDRPWLFDLAQLLQPGLNTLREAIDQGAVFFIPSVTFDSEAMAQLGQPQSA
TILAYLLEHLPAEPALTVAMGQQLIQQAAKAAGVKKGATMRTLRAALTGAVHGPDLMAAWQILHQRGWDEPRLAAALKQA
QTTSLEHHHHHH
;
_entity_poly.pdbx_strand_id   A,B
#
# COMPACT_ATOMS: atom_id res chain seq x y z
N THR A 1 -25.73 30.67 -6.35
CA THR A 1 -26.14 29.24 -6.49
C THR A 1 -24.93 28.33 -6.29
N VAL A 2 -25.07 27.41 -5.33
CA VAL A 2 -24.05 26.41 -5.02
C VAL A 2 -23.90 25.43 -6.17
N ARG A 3 -22.66 25.21 -6.61
CA ARG A 3 -22.37 24.22 -7.63
C ARG A 3 -21.31 23.27 -7.12
N VAL A 4 -21.64 21.97 -7.14
CA VAL A 4 -20.74 20.87 -6.68
C VAL A 4 -20.65 19.83 -7.77
N ARG A 5 -19.66 18.95 -7.68
CA ARG A 5 -19.44 17.97 -8.73
C ARG A 5 -18.86 16.65 -8.25
N LEU A 6 -19.21 15.56 -8.90
CA LEU A 6 -18.51 14.33 -8.68
C LEU A 6 -17.54 14.18 -9.84
N ALA A 7 -16.30 13.80 -9.53
CA ALA A 7 -15.30 13.65 -10.60
C ALA A 7 -14.61 12.26 -10.56
N PRO A 8 -15.41 11.20 -10.81
CA PRO A 8 -14.77 9.91 -10.74
C PRO A 8 -13.97 9.60 -11.99
N SER A 9 -12.89 8.86 -11.81
CA SER A 9 -12.17 8.28 -12.92
C SER A 9 -12.77 6.90 -13.13
N PRO A 10 -13.19 6.56 -14.39
CA PRO A 10 -13.68 5.19 -14.65
C PRO A 10 -12.53 4.16 -14.81
N THR A 11 -11.65 4.12 -13.78
CA THR A 11 -10.50 3.19 -13.69
C THR A 11 -10.85 1.91 -12.93
N GLY A 12 -12.04 1.90 -12.34
CA GLY A 12 -12.63 0.77 -11.60
C GLY A 12 -14.10 1.07 -11.33
N ASN A 13 -14.85 0.07 -10.83
CA ASN A 13 -16.28 0.23 -10.54
C ASN A 13 -16.56 1.28 -9.47
N LEU A 14 -17.79 1.78 -9.42
CA LEU A 14 -18.19 2.72 -8.36
C LEU A 14 -18.03 2.07 -6.99
N HIS A 15 -17.04 2.56 -6.23
CA HIS A 15 -16.83 2.08 -4.86
C HIS A 15 -17.52 2.95 -3.84
N ILE A 16 -17.72 2.39 -2.66
CA ILE A 16 -18.46 2.99 -1.54
C ILE A 16 -17.93 4.38 -1.18
N GLY A 17 -16.60 4.54 -1.21
CA GLY A 17 -15.94 5.81 -0.90
C GLY A 17 -16.40 6.92 -1.82
N THR A 18 -16.41 6.62 -3.12
CA THR A 18 -16.78 7.59 -4.13
C THR A 18 -18.24 7.93 -4.00
N ALA A 19 -19.08 6.89 -3.91
CA ALA A 19 -20.50 7.08 -3.77
C ALA A 19 -20.85 7.91 -2.50
N ARG A 20 -20.09 7.71 -1.41
CA ARG A 20 -20.21 8.44 -0.16
C ARG A 20 -20.00 9.94 -0.41
N THR A 21 -18.92 10.26 -1.13
CA THR A 21 -18.62 11.61 -1.52
C THR A 21 -19.78 12.16 -2.38
N ALA A 22 -20.30 11.34 -3.30
CA ALA A 22 -21.43 11.74 -4.13
C ALA A 22 -22.65 12.05 -3.30
N VAL A 23 -22.85 11.27 -2.23
CA VAL A 23 -23.96 11.47 -1.30
C VAL A 23 -23.80 12.83 -0.61
N PHE A 24 -22.60 13.13 -0.13
CA PHE A 24 -22.39 14.40 0.55
C PHE A 24 -22.60 15.60 -0.41
N ASN A 25 -22.19 15.42 -1.67
CA ASN A 25 -22.38 16.44 -2.70
C ASN A 25 -23.85 16.68 -3.02
N TRP A 26 -24.59 15.60 -3.28
CA TRP A 26 -26.00 15.64 -3.57
C TRP A 26 -26.72 16.25 -2.40
N LEU A 27 -26.36 15.80 -1.19
CA LEU A 27 -26.93 16.32 0.06
C LEU A 27 -26.66 17.79 0.30
N TYR A 28 -25.45 18.25 -0.02
CA TYR A 28 -25.08 19.66 0.20
C TYR A 28 -25.73 20.58 -0.84
N ALA A 29 -25.73 20.15 -2.10
CA ALA A 29 -26.35 20.87 -3.22
C ALA A 29 -27.84 20.99 -2.99
N ARG A 30 -28.49 19.88 -2.64
CA ARG A 30 -29.94 19.88 -2.41
C ARG A 30 -30.33 20.81 -1.26
N HIS A 31 -29.53 20.77 -0.17
CA HIS A 31 -29.72 21.60 1.04
C HIS A 31 -29.69 23.05 0.69
N ARG A 32 -28.72 23.44 -0.14
CA ARG A 32 -28.50 24.83 -0.53
C ARG A 32 -29.24 25.20 -1.81
N GLY A 33 -30.04 24.26 -2.31
CA GLY A 33 -30.80 24.41 -3.57
C GLY A 33 -29.91 24.67 -4.78
N GLY A 34 -28.81 23.91 -4.86
CA GLY A 34 -27.83 24.04 -5.92
C GLY A 34 -27.83 22.90 -6.95
N LYS A 35 -26.77 22.88 -7.75
CA LYS A 35 -26.63 21.92 -8.83
C LYS A 35 -25.57 20.92 -8.50
N PHE A 36 -25.79 19.69 -8.95
CA PHE A 36 -24.86 18.58 -8.82
C PHE A 36 -24.40 18.22 -10.22
N ILE A 37 -23.11 18.43 -10.45
CA ILE A 37 -22.47 18.25 -11.73
C ILE A 37 -21.73 16.94 -11.71
N LEU A 38 -21.83 16.17 -12.79
CA LEU A 38 -21.04 14.91 -12.91
C LEU A 38 -20.03 15.03 -14.03
N ARG A 39 -18.77 14.79 -13.69
CA ARG A 39 -17.67 14.91 -14.62
C ARG A 39 -16.96 13.58 -14.65
N ILE A 40 -16.77 13.00 -15.83
CA ILE A 40 -16.06 11.74 -15.93
C ILE A 40 -14.64 12.03 -16.39
N GLU A 41 -13.68 11.59 -15.59
CA GLU A 41 -12.28 11.83 -15.86
C GLU A 41 -11.71 10.69 -16.68
N ASP A 42 -12.23 10.54 -17.89
CA ASP A 42 -11.82 9.46 -18.77
C ASP A 42 -10.49 9.82 -19.40
N THR A 43 -9.52 8.98 -19.07
CA THR A 43 -8.12 9.16 -19.44
C THR A 43 -7.65 8.14 -20.47
N ASP A 44 -6.57 8.50 -21.17
CA ASP A 44 -5.90 7.63 -22.18
C ASP A 44 -5.38 6.30 -21.59
N ARG A 45 -5.44 6.20 -20.26
CA ARG A 45 -5.02 5.04 -19.45
C ARG A 45 -5.54 3.70 -19.93
N GLU A 46 -4.73 2.66 -19.68
CA GLU A 46 -5.13 1.26 -19.86
C GLU A 46 -6.33 0.93 -18.95
N ARG A 47 -6.36 1.54 -17.77
CA ARG A 47 -7.41 1.36 -16.78
C ARG A 47 -8.78 1.95 -17.15
N SER A 48 -8.78 3.11 -17.80
CA SER A 48 -10.03 3.79 -18.16
C SER A 48 -10.74 3.12 -19.34
N ARG A 49 -11.90 2.52 -19.06
CA ARG A 49 -12.74 1.82 -20.06
C ARG A 49 -14.24 2.09 -19.84
N PRO A 50 -15.07 2.01 -20.93
CA PRO A 50 -16.47 2.41 -20.84
C PRO A 50 -17.35 1.56 -19.91
N GLU A 51 -16.89 0.37 -19.54
CA GLU A 51 -17.62 -0.50 -18.62
C GLU A 51 -17.61 0.04 -17.18
N TYR A 52 -16.56 0.76 -16.81
CA TYR A 52 -16.52 1.40 -15.48
C TYR A 52 -17.37 2.69 -15.49
N THR A 53 -17.37 3.45 -16.60
CA THR A 53 -18.25 4.64 -16.74
C THR A 53 -19.72 4.18 -16.60
N GLU A 54 -20.07 3.11 -17.31
CA GLU A 54 -21.40 2.48 -17.28
C GLU A 54 -21.78 2.15 -15.84
N ASN A 55 -20.89 1.43 -15.15
CA ASN A 55 -21.08 1.04 -13.75
C ASN A 55 -21.20 2.23 -12.81
N ILE A 56 -20.56 3.36 -13.16
CA ILE A 56 -20.57 4.56 -12.31
C ILE A 56 -21.94 5.23 -12.37
N LEU A 57 -22.42 5.49 -13.59
CA LEU A 57 -23.70 6.12 -13.83
C LEU A 57 -24.88 5.28 -13.28
N GLU A 58 -24.86 3.98 -13.60
CA GLU A 58 -25.82 2.96 -13.13
C GLU A 58 -25.97 3.03 -11.61
N GLY A 59 -24.84 2.93 -10.90
CA GLY A 59 -24.78 2.99 -9.44
C GLY A 59 -25.24 4.31 -8.84
N LEU A 60 -24.94 5.39 -9.52
CA LEU A 60 -25.37 6.71 -9.02
C LEU A 60 -26.88 6.86 -9.13
N GLN A 61 -27.42 6.41 -10.28
CA GLN A 61 -28.84 6.51 -10.58
C GLN A 61 -29.63 5.65 -9.63
N TRP A 62 -29.13 4.42 -9.46
CA TRP A 62 -29.70 3.44 -8.61
C TRP A 62 -29.71 3.91 -7.14
N LEU A 63 -28.65 4.57 -6.70
CA LEU A 63 -28.58 5.15 -5.33
C LEU A 63 -29.47 6.41 -5.18
N GLY A 64 -30.04 6.90 -6.29
CA GLY A 64 -30.90 8.09 -6.26
C GLY A 64 -30.10 9.37 -6.20
N LEU A 65 -28.84 9.28 -6.63
CA LEU A 65 -27.91 10.41 -6.64
C LEU A 65 -27.89 11.12 -8.00
N THR A 66 -29.08 11.63 -8.34
CA THR A 66 -29.38 12.36 -9.57
C THR A 66 -28.55 13.63 -9.75
N TRP A 67 -27.77 13.66 -10.84
CA TRP A 67 -27.03 14.86 -11.19
C TRP A 67 -27.91 15.77 -12.05
N ASP A 68 -27.62 17.06 -11.99
CA ASP A 68 -28.34 18.07 -12.75
C ASP A 68 -27.60 18.44 -14.05
N GLU A 69 -26.31 18.18 -14.09
CA GLU A 69 -25.49 18.48 -15.25
C GLU A 69 -24.54 17.31 -15.56
N GLY A 70 -24.44 16.97 -16.85
CA GLY A 70 -23.52 15.94 -17.30
C GLY A 70 -24.18 14.59 -17.52
N PRO A 71 -23.37 13.52 -17.61
CA PRO A 71 -21.90 13.50 -17.47
C PRO A 71 -21.16 14.28 -18.53
N TYR A 72 -20.24 15.14 -18.08
CA TYR A 72 -19.30 15.85 -18.95
C TYR A 72 -18.02 15.03 -18.99
N PHE A 73 -17.60 14.63 -20.18
CA PHE A 73 -16.44 13.76 -20.34
C PHE A 73 -15.16 14.55 -20.56
N GLN A 74 -14.15 14.22 -19.76
CA GLN A 74 -12.79 14.83 -19.83
C GLN A 74 -12.20 14.84 -21.25
N SER A 75 -12.43 13.76 -22.01
CA SER A 75 -11.85 13.52 -23.34
C SER A 75 -12.35 14.44 -24.43
N ASP A 76 -13.51 15.06 -24.17
CA ASP A 76 -14.07 16.07 -25.03
C ASP A 76 -13.46 17.44 -24.78
N ARG A 77 -12.71 17.58 -23.68
CA ARG A 77 -12.26 18.87 -23.18
C ARG A 77 -10.74 19.04 -23.28
N LEU A 78 -10.07 18.05 -23.86
CA LEU A 78 -8.62 18.03 -23.99
C LEU A 78 -7.92 19.36 -24.32
N ASP A 79 -8.52 20.12 -25.25
CA ASP A 79 -7.98 21.41 -25.70
C ASP A 79 -7.99 22.52 -24.64
N LEU A 80 -8.99 22.51 -23.79
CA LEU A 80 -9.05 23.44 -22.64
C LEU A 80 -7.83 23.28 -21.71
N TYR A 81 -7.39 22.03 -21.50
CA TYR A 81 -6.21 21.76 -20.66
C TYR A 81 -4.96 22.23 -21.37
N ARG A 82 -4.91 21.97 -22.68
CA ARG A 82 -3.85 22.41 -23.60
C ARG A 82 -3.74 23.92 -23.60
N GLN A 83 -4.89 24.62 -23.60
CA GLN A 83 -4.93 26.09 -23.62
C GLN A 83 -4.41 26.63 -22.30
N ALA A 84 -4.87 26.04 -21.19
CA ALA A 84 -4.51 26.53 -19.89
C ALA A 84 -3.01 26.45 -19.68
N ILE A 85 -2.43 25.31 -20.04
CA ILE A 85 -0.99 25.04 -19.91
C ILE A 85 -0.13 25.93 -20.82
N GLN A 86 -0.63 26.19 -22.03
CA GLN A 86 0.05 27.07 -22.96
C GLN A 86 0.06 28.49 -22.43
N THR A 87 -1.05 28.90 -21.82
CA THR A 87 -1.12 30.19 -21.16
C THR A 87 -0.10 30.26 -20.02
N LEU A 88 0.14 29.15 -19.35
CA LEU A 88 1.07 29.17 -18.23
C LEU A 88 2.53 29.28 -18.74
N LEU A 89 2.82 28.58 -19.84
CA LEU A 89 4.14 28.64 -20.46
C LEU A 89 4.43 30.01 -20.99
N ASP A 90 3.45 30.58 -21.69
CA ASP A 90 3.58 31.94 -22.27
C ASP A 90 3.82 32.96 -21.18
N LYS A 91 3.14 32.79 -20.05
CA LYS A 91 3.32 33.73 -18.96
C LYS A 91 4.63 33.50 -18.18
N GLY A 92 5.36 32.44 -18.53
CA GLY A 92 6.56 32.00 -17.80
C GLY A 92 6.24 31.49 -16.40
N LEU A 93 5.00 31.06 -16.15
CA LEU A 93 4.57 30.48 -14.85
C LEU A 93 4.71 28.94 -14.87
N ALA A 94 5.05 28.41 -16.05
CA ALA A 94 5.34 27.00 -16.24
C ALA A 94 6.55 26.91 -17.17
N TYR A 95 7.26 25.78 -17.13
CA TYR A 95 8.48 25.61 -17.93
C TYR A 95 8.79 24.11 -18.29
N TYR A 96 9.81 23.91 -19.09
CA TYR A 96 10.16 22.58 -19.53
C TYR A 96 11.18 21.95 -18.62
N CYS A 97 10.81 20.81 -18.05
CA CYS A 97 11.71 20.05 -17.21
C CYS A 97 12.19 18.80 -17.95
N TYR A 98 13.51 18.66 -18.04
CA TYR A 98 14.16 17.57 -18.75
C TYR A 98 14.75 16.55 -17.80
N CYS A 99 14.40 16.64 -16.53
CA CYS A 99 14.92 15.78 -15.50
C CYS A 99 14.29 14.38 -15.61
N THR A 100 15.16 13.38 -15.84
CA THR A 100 14.72 11.98 -15.97
C THR A 100 14.23 11.36 -14.62
N PRO A 101 13.43 10.27 -14.69
CA PRO A 101 13.03 9.61 -13.41
C PRO A 101 14.24 9.06 -12.61
N GLU A 102 15.26 8.59 -13.33
CA GLU A 102 16.48 8.07 -12.70
C GLU A 102 17.23 9.24 -12.00
N GLU A 103 17.13 10.44 -12.61
CA GLU A 103 17.70 11.67 -12.03
C GLU A 103 16.95 12.15 -10.79
N LEU A 104 15.62 11.99 -10.82
CA LEU A 104 14.73 12.32 -9.69
C LEU A 104 14.93 11.42 -8.46
N GLU A 105 15.06 10.11 -8.73
CA GLU A 105 15.36 9.08 -7.75
C GLU A 105 16.71 9.37 -7.04
N ALA A 106 17.75 9.74 -7.81
CA ALA A 106 19.09 10.07 -7.24
C ALA A 106 18.99 11.33 -6.38
N LEU A 107 18.20 12.30 -6.85
CA LEU A 107 17.92 13.51 -6.07
C LEU A 107 17.30 13.16 -4.73
N ARG A 108 16.23 12.34 -4.81
CA ARG A 108 15.42 11.94 -3.66
CA ARG A 108 15.42 11.95 -3.65
C ARG A 108 16.22 11.15 -2.61
N ALA A 109 17.14 10.29 -3.09
CA ALA A 109 18.06 9.51 -2.24
C ALA A 109 19.11 10.39 -1.56
N GLU A 110 19.60 11.37 -2.30
CA GLU A 110 20.57 12.29 -1.81
C GLU A 110 19.85 13.20 -0.77
N GLN A 111 18.56 13.46 -1.00
CA GLN A 111 17.75 14.21 0.00
C GLN A 111 17.59 13.47 1.34
N LYS A 112 17.23 12.19 1.27
CA LYS A 112 17.11 11.38 2.50
C LYS A 112 18.42 11.27 3.28
N ALA A 113 19.53 11.08 2.57
CA ALA A 113 20.86 10.95 3.20
C ALA A 113 21.26 12.18 3.98
N LYS A 114 20.85 13.34 3.45
CA LYS A 114 21.23 14.65 3.96
C LYS A 114 20.23 15.22 4.98
N GLY A 115 19.10 14.54 5.18
CA GLY A 115 18.00 15.02 6.03
C GLY A 115 17.35 16.27 5.44
N GLN A 116 17.26 16.32 4.12
CA GLN A 116 16.60 17.40 3.40
C GLN A 116 15.16 16.97 3.08
N ALA A 117 14.25 17.94 3.06
CA ALA A 117 12.87 17.72 2.62
C ALA A 117 12.84 17.00 1.27
N PRO A 118 12.06 15.91 1.17
CA PRO A 118 11.88 15.17 -0.12
C PRO A 118 11.07 15.97 -1.19
N ARG A 119 11.76 16.41 -2.26
CA ARG A 119 11.19 17.33 -3.28
C ARG A 119 12.00 17.46 -4.57
N TYR A 120 11.34 17.98 -5.61
CA TYR A 120 12.04 18.33 -6.83
C TYR A 120 12.71 19.66 -6.56
N ASP A 121 13.98 19.80 -6.95
CA ASP A 121 14.78 20.97 -6.56
C ASP A 121 14.66 22.20 -7.46
N ASN A 122 13.67 22.21 -8.36
CA ASN A 122 13.42 23.32 -9.30
C ASN A 122 14.60 23.64 -10.26
N ARG A 123 15.45 22.64 -10.49
CA ARG A 123 16.69 22.79 -11.29
C ARG A 123 16.52 23.29 -12.74
N HIS A 124 15.34 23.09 -13.32
CA HIS A 124 15.16 23.48 -14.73
C HIS A 124 14.32 24.72 -14.95
N ARG A 125 14.13 25.55 -13.93
CA ARG A 125 13.33 26.79 -14.04
C ARG A 125 13.81 27.74 -15.12
N HIS A 126 15.15 27.92 -15.19
CA HIS A 126 15.80 28.96 -15.99
C HIS A 126 16.89 28.42 -16.92
N LEU A 127 16.50 27.46 -17.76
CA LEU A 127 17.42 26.85 -18.69
C LEU A 127 17.64 27.76 -19.91
N THR A 128 18.87 27.74 -20.43
CA THR A 128 19.20 28.52 -21.61
C THR A 128 18.87 27.70 -22.84
N PRO A 129 18.47 28.37 -23.97
CA PRO A 129 18.20 27.70 -25.23
C PRO A 129 19.23 26.63 -25.58
N GLU A 130 20.49 26.92 -25.26
CA GLU A 130 21.65 26.00 -25.41
C GLU A 130 21.52 24.73 -24.55
N GLU A 131 21.19 24.91 -23.26
CA GLU A 131 20.95 23.81 -22.32
C GLU A 131 19.77 22.91 -22.75
N GLN A 132 18.65 23.53 -23.12
CA GLN A 132 17.49 22.75 -23.65
C GLN A 132 17.90 21.91 -24.87
N ALA A 133 18.64 22.54 -25.80
CA ALA A 133 19.05 21.92 -27.05
C ALA A 133 20.04 20.76 -26.83
N ALA A 134 20.85 20.87 -25.79
CA ALA A 134 21.76 19.80 -25.40
C ALA A 134 20.99 18.59 -24.91
N PHE A 135 19.99 18.82 -24.04
CA PHE A 135 19.12 17.75 -23.58
C PHE A 135 18.41 17.09 -24.79
N GLU A 136 17.80 17.92 -25.64
CA GLU A 136 17.08 17.43 -26.85
C GLU A 136 17.92 16.58 -27.81
N ALA A 137 19.19 16.98 -28.00
CA ALA A 137 20.11 16.24 -28.88
C ALA A 137 20.52 14.88 -28.31
N ALA A 138 20.49 14.77 -26.97
CA ALA A 138 20.69 13.48 -26.31
C ALA A 138 19.36 12.66 -26.28
N GLY A 139 18.33 13.16 -26.95
CA GLY A 139 17.05 12.45 -27.08
C GLY A 139 16.07 12.60 -25.92
N ARG A 140 16.30 13.59 -25.06
CA ARG A 140 15.37 13.87 -23.96
C ARG A 140 14.23 14.70 -24.50
N THR A 141 13.04 14.49 -23.94
CA THR A 141 11.89 15.31 -24.20
C THR A 141 11.27 15.70 -22.84
N PRO A 142 10.87 16.98 -22.68
CA PRO A 142 10.56 17.52 -21.35
C PRO A 142 9.12 17.35 -20.90
N VAL A 143 8.91 17.38 -19.57
CA VAL A 143 7.57 17.49 -19.01
C VAL A 143 7.39 19.00 -18.77
N ILE A 144 6.20 19.43 -18.35
CA ILE A 144 5.96 20.83 -18.09
C ILE A 144 5.66 21.02 -16.62
N ARG A 145 6.45 21.87 -15.95
CA ARG A 145 6.24 22.10 -14.52
C ARG A 145 5.74 23.47 -14.24
N PHE A 146 4.88 23.59 -13.24
CA PHE A 146 4.31 24.83 -12.78
C PHE A 146 5.08 25.33 -11.57
N LYS A 147 5.49 26.58 -11.60
CA LYS A 147 6.36 27.15 -10.56
C LYS A 147 5.58 27.39 -9.31
N ILE A 148 6.16 26.95 -8.20
CA ILE A 148 5.57 27.19 -6.88
C ILE A 148 6.60 27.95 -6.07
N GLU A 149 6.15 29.01 -5.44
CA GLU A 149 7.05 29.76 -4.58
C GLU A 149 7.28 29.04 -3.24
N ASP A 150 8.55 28.71 -2.97
CA ASP A 150 9.00 28.12 -1.70
C ASP A 150 8.42 28.77 -0.46
N ASP A 151 8.50 30.09 -0.39
CA ASP A 151 8.12 30.88 0.80
C ASP A 151 6.63 31.35 0.80
N ARG A 152 5.80 30.73 -0.03
CA ARG A 152 4.41 31.16 -0.11
C ARG A 152 3.56 30.52 0.97
N GLN A 153 2.85 31.37 1.71
CA GLN A 153 1.87 30.91 2.72
C GLN A 153 0.53 30.61 2.05
N ILE A 154 0.23 29.32 1.90
CA ILE A 154 -1.04 28.88 1.34
C ILE A 154 -1.98 28.44 2.47
N GLU A 155 -3.19 28.99 2.45
CA GLU A 155 -4.15 28.76 3.51
C GLU A 155 -5.57 28.73 3.00
N TRP A 156 -6.41 27.92 3.63
CA TRP A 156 -7.87 27.96 3.33
C TRP A 156 -8.71 27.54 4.51
N GLN A 157 -9.90 28.12 4.59
CA GLN A 157 -10.90 27.76 5.57
C GLN A 157 -11.70 26.53 5.10
N ASP A 158 -11.21 25.34 5.45
CA ASP A 158 -11.85 24.09 5.08
C ASP A 158 -13.15 23.94 5.83
N LEU A 159 -14.18 23.45 5.13
CA LEU A 159 -15.56 23.40 5.70
C LEU A 159 -15.74 22.35 6.79
N VAL A 160 -14.86 21.35 6.76
CA VAL A 160 -14.81 20.28 7.74
C VAL A 160 -13.61 20.45 8.69
N ARG A 161 -12.41 20.69 8.12
CA ARG A 161 -11.15 20.70 8.89
C ARG A 161 -10.87 21.98 9.67
N GLY A 162 -11.33 23.11 9.15
CA GLY A 162 -11.02 24.45 9.70
C GLY A 162 -9.85 25.01 8.90
N ARG A 163 -9.19 26.03 9.45
CA ARG A 163 -8.01 26.62 8.84
C ARG A 163 -6.97 25.52 8.59
N VAL A 164 -6.52 25.41 7.34
CA VAL A 164 -5.48 24.48 6.91
C VAL A 164 -4.37 25.29 6.25
N SER A 165 -3.14 25.14 6.72
CA SER A 165 -2.04 26.01 6.29
C SER A 165 -0.85 25.25 5.80
N TRP A 166 -0.41 25.63 4.62
CA TRP A 166 0.73 25.03 3.97
C TRP A 166 1.71 26.07 3.51
N GLN A 167 3.00 25.70 3.51
CA GLN A 167 4.03 26.51 2.90
C GLN A 167 4.12 26.02 1.47
N GLY A 168 4.66 26.85 0.59
CA GLY A 168 4.87 26.45 -0.78
C GLY A 168 5.93 25.37 -0.89
N ALA A 169 6.86 25.38 0.05
CA ALA A 169 7.99 24.44 0.06
C ALA A 169 7.56 23.05 0.38
N ASP A 170 6.37 22.93 1.02
CA ASP A 170 5.77 21.63 1.39
C ASP A 170 5.07 20.86 0.26
N LEU A 171 5.05 21.44 -0.94
CA LEU A 171 4.31 20.87 -2.06
C LEU A 171 5.15 19.96 -2.98
N GLY A 172 6.41 19.77 -2.63
CA GLY A 172 7.28 18.89 -3.35
C GLY A 172 7.93 19.52 -4.57
N GLY A 173 8.01 20.86 -4.59
CA GLY A 173 8.68 21.56 -5.69
C GLY A 173 7.75 21.82 -6.83
N ASP A 174 8.27 22.46 -7.87
CA ASP A 174 7.48 22.75 -9.09
C ASP A 174 6.84 21.48 -9.58
N MET A 175 5.52 21.49 -9.68
CA MET A 175 4.82 20.26 -10.05
C MET A 175 4.57 20.09 -11.51
N VAL A 176 4.70 18.83 -11.96
CA VAL A 176 4.42 18.47 -13.32
C VAL A 176 2.95 18.72 -13.57
N ILE A 177 2.66 19.44 -14.64
CA ILE A 177 1.28 19.68 -15.05
C ILE A 177 0.99 19.01 -16.41
N ALA A 178 2.03 18.68 -17.17
CA ALA A 178 1.86 17.89 -18.39
C ALA A 178 2.98 16.86 -18.56
N ARG A 179 2.58 15.66 -19.02
CA ARG A 179 3.49 14.50 -19.23
C ARG A 179 4.48 14.85 -20.32
N ALA A 180 5.52 14.02 -20.51
CA ALA A 180 6.52 14.28 -21.57
C ALA A 180 5.88 14.46 -22.97
N ALA A 181 6.40 15.47 -23.67
CA ALA A 181 6.08 15.82 -25.06
C ALA A 181 7.21 16.72 -25.61
N PRO A 182 7.48 16.72 -26.93
CA PRO A 182 8.54 17.64 -27.41
C PRO A 182 8.09 19.09 -27.27
N ARG A 183 9.03 20.04 -27.13
CA ARG A 183 8.70 21.48 -27.09
C ARG A 183 7.88 21.87 -28.33
N GLY A 184 6.81 22.64 -28.13
CA GLY A 184 5.83 22.92 -29.23
C GLY A 184 4.65 21.95 -29.20
N GLU A 185 4.80 20.90 -28.41
CA GLU A 185 3.75 19.97 -28.10
C GLU A 185 3.61 20.01 -26.59
N ILE A 186 2.40 19.73 -26.13
CA ILE A 186 2.03 19.65 -24.75
C ILE A 186 1.57 18.19 -24.48
N GLY A 187 2.11 17.57 -23.42
CA GLY A 187 1.79 16.20 -23.08
C GLY A 187 0.45 16.06 -22.39
N TYR A 188 0.17 14.82 -21.97
CA TYR A 188 -1.09 14.52 -21.31
C TYR A 188 -1.18 15.32 -19.99
N PRO A 189 -2.24 16.12 -19.84
CA PRO A 189 -2.38 16.97 -18.67
C PRO A 189 -2.60 16.13 -17.39
N LEU A 190 -1.87 16.47 -16.34
CA LEU A 190 -1.98 15.78 -15.04
C LEU A 190 -3.19 16.27 -14.30
N TYR A 191 -3.60 15.45 -13.30
CA TYR A 191 -4.85 15.62 -12.52
C TYR A 191 -5.12 17.03 -12.00
N ASN A 192 -4.15 17.60 -11.26
CA ASN A 192 -4.30 18.91 -10.61
C ASN A 192 -4.58 20.07 -11.57
N LEU A 193 -4.00 19.97 -12.75
CA LEU A 193 -4.26 20.90 -13.83
C LEU A 193 -5.73 20.77 -14.31
N VAL A 194 -6.07 19.56 -14.75
CA VAL A 194 -7.38 19.23 -15.26
C VAL A 194 -8.57 19.61 -14.33
N VAL A 195 -8.42 19.35 -13.04
CA VAL A 195 -9.47 19.56 -12.08
C VAL A 195 -9.76 21.09 -11.84
N VAL A 196 -8.70 21.91 -11.78
CA VAL A 196 -8.81 23.37 -11.65
C VAL A 196 -9.39 23.95 -12.93
N VAL A 197 -8.80 23.60 -14.10
CA VAL A 197 -9.35 24.05 -15.40
C VAL A 197 -10.87 23.72 -15.49
N ASP A 198 -11.24 22.54 -15.08
CA ASP A 198 -12.63 22.15 -15.17
C ASP A 198 -13.51 22.73 -14.08
N ASP A 199 -12.96 22.90 -12.87
CA ASP A 199 -13.70 23.52 -11.78
C ASP A 199 -13.95 24.98 -12.01
N ILE A 200 -12.99 25.67 -12.64
CA ILE A 200 -13.13 27.06 -13.03
C ILE A 200 -14.20 27.14 -14.12
N ALA A 201 -14.06 26.35 -15.18
CA ALA A 201 -15.04 26.31 -16.30
C ALA A 201 -16.46 25.90 -15.90
N MET A 202 -16.58 24.97 -14.94
CA MET A 202 -17.91 24.48 -14.48
C MET A 202 -18.52 25.31 -13.34
N GLY A 203 -17.79 26.34 -12.94
CA GLY A 203 -18.24 27.30 -11.94
C GLY A 203 -18.48 26.73 -10.55
N ILE A 204 -17.72 25.68 -10.20
CA ILE A 204 -17.79 25.01 -8.90
C ILE A 204 -17.51 25.97 -7.75
N THR A 205 -18.43 25.97 -6.79
CA THR A 205 -18.42 26.82 -5.62
C THR A 205 -17.87 26.11 -4.41
N ASP A 206 -17.94 24.78 -4.42
CA ASP A 206 -17.57 23.95 -3.25
C ASP A 206 -17.06 22.57 -3.68
N VAL A 207 -15.85 22.23 -3.29
CA VAL A 207 -15.26 20.92 -3.67
C VAL A 207 -15.30 20.02 -2.45
N ILE A 208 -15.93 18.86 -2.59
CA ILE A 208 -15.97 17.87 -1.48
C ILE A 208 -15.02 16.75 -1.78
N ARG A 209 -14.11 16.54 -0.87
CA ARG A 209 -13.02 15.60 -1.11
C ARG A 209 -12.70 14.79 0.11
N GLY A 210 -12.10 13.61 -0.12
CA GLY A 210 -11.57 12.79 0.93
C GLY A 210 -10.31 13.48 1.44
N GLU A 211 -10.07 13.30 2.75
CA GLU A 211 -8.93 13.92 3.43
C GLU A 211 -7.60 13.29 2.97
N ASP A 212 -7.67 12.14 2.33
CA ASP A 212 -6.45 11.54 1.80
C ASP A 212 -5.86 12.33 0.61
N HIS A 213 -6.66 13.24 0.02
CA HIS A 213 -6.18 14.12 -1.08
C HIS A 213 -6.07 15.59 -0.68
N ILE A 214 -6.07 15.85 0.64
CA ILE A 214 -5.92 17.21 1.18
C ILE A 214 -4.66 17.97 0.66
N GLY A 215 -3.57 17.26 0.39
CA GLY A 215 -2.32 17.86 -0.14
C GLY A 215 -2.36 18.41 -1.56
N ASN A 216 -3.39 18.05 -2.34
CA ASN A 216 -3.58 18.56 -3.70
C ASN A 216 -4.23 19.91 -3.60
N THR A 217 -4.89 20.15 -2.48
CA THR A 217 -5.65 21.39 -2.27
C THR A 217 -4.75 22.64 -2.36
N PRO A 218 -3.63 22.72 -1.57
CA PRO A 218 -2.75 23.87 -1.78
C PRO A 218 -2.17 24.00 -3.18
N LYS A 219 -1.91 22.87 -3.85
CA LYS A 219 -1.41 22.87 -5.24
C LYS A 219 -2.43 23.42 -6.23
N GLN A 220 -3.67 23.02 -6.06
CA GLN A 220 -4.73 23.48 -6.92
C GLN A 220 -4.98 24.97 -6.68
N ILE A 221 -4.93 25.39 -5.42
CA ILE A 221 -5.21 26.80 -5.09
C ILE A 221 -4.27 27.70 -5.86
N LEU A 222 -3.02 27.24 -6.07
CA LEU A 222 -2.02 28.02 -6.76
C LEU A 222 -2.32 28.10 -8.25
N LEU A 223 -2.82 26.97 -8.84
CA LEU A 223 -3.31 26.95 -10.23
C LEU A 223 -4.46 27.90 -10.47
N TYR A 224 -5.47 27.90 -9.60
CA TYR A 224 -6.57 28.88 -9.72
C TYR A 224 -6.06 30.31 -9.84
N GLU A 225 -5.13 30.68 -8.93
CA GLU A 225 -4.55 32.03 -8.88
C GLU A 225 -3.83 32.32 -10.16
N ALA A 226 -2.95 31.40 -10.58
CA ALA A 226 -2.20 31.52 -11.83
C ALA A 226 -3.11 31.63 -13.07
N LEU A 227 -4.29 30.99 -13.03
CA LEU A 227 -5.28 31.09 -14.10
C LEU A 227 -6.30 32.22 -13.87
N GLY A 228 -6.07 33.02 -12.84
CA GLY A 228 -6.89 34.23 -12.55
C GLY A 228 -8.27 33.96 -11.98
N ALA A 229 -8.41 32.81 -11.30
CA ALA A 229 -9.69 32.44 -10.69
C ALA A 229 -9.56 32.37 -9.21
N THR A 230 -10.69 32.62 -8.52
CA THR A 230 -10.82 32.47 -7.05
C THR A 230 -11.19 31.02 -6.78
N PRO A 231 -10.42 30.32 -5.92
CA PRO A 231 -10.77 28.94 -5.66
C PRO A 231 -12.15 28.84 -4.98
N PRO A 232 -12.82 27.67 -5.06
CA PRO A 232 -14.06 27.47 -4.30
C PRO A 232 -13.71 27.11 -2.87
N ASN A 233 -14.75 26.89 -2.06
CA ASN A 233 -14.57 26.32 -0.72
C ASN A 233 -14.19 24.83 -0.84
N PHE A 234 -13.43 24.31 0.12
CA PHE A 234 -13.11 22.87 0.16
C PHE A 234 -13.64 22.26 1.41
N ALA A 235 -14.09 21.01 1.28
CA ALA A 235 -14.61 20.24 2.39
C ALA A 235 -13.95 18.90 2.26
N HIS A 236 -13.08 18.61 3.21
CA HIS A 236 -12.36 17.34 3.23
C HIS A 236 -12.92 16.41 4.29
N THR A 237 -13.50 15.32 3.83
CA THR A 237 -14.17 14.38 4.73
C THR A 237 -13.19 13.26 5.11
N PRO A 238 -13.35 12.68 6.32
CA PRO A 238 -12.51 11.53 6.64
C PRO A 238 -12.96 10.30 5.86
N LEU A 239 -12.04 9.39 5.55
CA LEU A 239 -12.38 8.21 4.77
C LEU A 239 -13.23 7.26 5.58
N ILE A 240 -13.83 6.28 4.90
CA ILE A 240 -14.46 5.19 5.60
C ILE A 240 -13.33 4.26 6.06
N LEU A 241 -13.41 3.84 7.32
CA LEU A 241 -12.50 2.90 7.94
C LEU A 241 -13.00 1.47 7.91
N ASN A 242 -12.11 0.53 8.26
CA ASN A 242 -12.36 -0.90 8.34
C ASN A 242 -13.41 -1.26 9.40
N SER A 243 -13.68 -2.56 9.57
CA SER A 243 -14.51 -3.04 10.67
C SER A 243 -13.79 -2.78 12.02
N THR A 244 -12.45 -2.70 11.98
CA THR A 244 -11.60 -2.48 13.18
C THR A 244 -10.92 -1.09 13.28
N GLY A 245 -10.67 -0.42 12.15
CA GLY A 245 -10.11 0.95 12.18
C GLY A 245 -8.97 1.38 11.25
N GLN A 246 -8.67 0.57 10.25
CA GLN A 246 -7.67 0.90 9.19
C GLN A 246 -8.39 1.19 7.87
N LYS A 247 -7.65 1.47 6.80
CA LYS A 247 -8.26 1.83 5.51
C LYS A 247 -9.14 0.72 4.92
N LEU A 248 -10.29 1.14 4.37
CA LEU A 248 -11.16 0.24 3.62
C LEU A 248 -10.50 -0.02 2.29
N SER A 249 -10.04 -1.26 2.13
CA SER A 249 -9.23 -1.65 1.00
C SER A 249 -10.08 -2.25 -0.09
N LYS A 250 -9.93 -1.70 -1.30
CA LYS A 250 -10.54 -2.21 -2.52
C LYS A 250 -10.21 -3.70 -2.79
N ARG A 251 -8.97 -4.10 -2.46
CA ARG A 251 -8.51 -5.48 -2.62
C ARG A 251 -8.83 -6.42 -1.42
N ASP A 252 -9.53 -5.87 -0.40
CA ASP A 252 -9.94 -6.62 0.81
C ASP A 252 -11.40 -6.41 1.21
N GLY A 253 -12.24 -7.33 0.78
CA GLY A 253 -13.67 -7.28 1.08
C GLY A 253 -14.47 -6.58 0.02
N VAL A 254 -15.70 -6.22 0.38
CA VAL A 254 -16.69 -5.63 -0.53
C VAL A 254 -16.75 -4.13 -0.34
N THR A 255 -16.55 -3.42 -1.45
CA THR A 255 -16.57 -1.97 -1.47
C THR A 255 -17.38 -1.37 -2.64
N SER A 256 -17.56 -2.12 -3.72
CA SER A 256 -18.27 -1.58 -4.87
C SER A 256 -19.79 -1.67 -4.74
N ILE A 257 -20.47 -0.58 -5.13
CA ILE A 257 -21.94 -0.47 -5.05
C ILE A 257 -22.68 -1.61 -5.78
N SER A 258 -22.15 -2.02 -6.94
CA SER A 258 -22.67 -3.17 -7.69
C SER A 258 -22.56 -4.50 -6.90
N ASP A 259 -21.49 -4.67 -6.13
CA ASP A 259 -21.36 -5.87 -5.28
C ASP A 259 -22.35 -5.93 -4.11
N PHE A 260 -22.53 -4.78 -3.42
CA PHE A 260 -23.55 -4.65 -2.35
C PHE A 260 -24.97 -4.93 -2.87
N ARG A 261 -25.22 -4.45 -4.09
CA ARG A 261 -26.50 -4.59 -4.78
C ARG A 261 -26.73 -6.05 -5.08
N ALA A 262 -25.71 -6.69 -5.65
CA ALA A 262 -25.68 -8.13 -5.93
C ALA A 262 -25.95 -8.97 -4.70
N MET A 263 -25.48 -8.50 -3.54
CA MET A 263 -25.62 -9.18 -2.24
C MET A 263 -27.01 -9.09 -1.58
N GLY A 264 -27.89 -8.26 -2.12
CA GLY A 264 -29.25 -8.10 -1.58
C GLY A 264 -29.50 -6.87 -0.73
N TYR A 265 -28.57 -5.90 -0.77
CA TYR A 265 -28.77 -4.60 -0.10
C TYR A 265 -29.48 -3.64 -1.02
N LEU A 266 -30.45 -2.94 -0.46
CA LEU A 266 -31.28 -1.99 -1.19
C LEU A 266 -30.60 -0.65 -1.31
N ALA A 267 -30.91 0.06 -2.40
CA ALA A 267 -30.33 1.37 -2.71
C ALA A 267 -30.58 2.40 -1.62
N PRO A 268 -31.86 2.59 -1.18
CA PRO A 268 -32.10 3.54 -0.11
C PRO A 268 -31.37 3.20 1.20
N ALA A 269 -31.17 1.91 1.45
CA ALA A 269 -30.43 1.45 2.63
C ALA A 269 -28.96 1.79 2.49
N LEU A 270 -28.41 1.65 1.27
CA LEU A 270 -27.01 2.02 1.03
C LEU A 270 -26.78 3.49 1.20
N ALA A 271 -27.69 4.28 0.61
CA ALA A 271 -27.68 5.72 0.73
C ALA A 271 -27.74 6.16 2.23
N ASN A 272 -28.77 5.71 2.94
CA ASN A 272 -28.96 6.03 4.36
C ASN A 272 -27.67 5.69 5.13
N TYR A 273 -27.07 4.54 4.80
CA TYR A 273 -25.88 4.06 5.45
C TYR A 273 -24.64 4.90 5.22
N MET A 274 -24.27 5.10 3.96
CA MET A 274 -23.09 5.90 3.60
C MET A 274 -23.14 7.26 4.25
N THR A 275 -24.35 7.83 4.34
CA THR A 275 -24.56 9.07 5.01
C THR A 275 -24.13 8.92 6.48
N LEU A 276 -24.67 7.91 7.16
CA LEU A 276 -24.34 7.61 8.56
C LEU A 276 -22.86 7.36 8.81
N LEU A 277 -22.12 7.07 7.73
CA LEU A 277 -20.66 6.90 7.81
C LEU A 277 -19.95 8.26 7.72
N GLY A 278 -19.98 9.00 8.83
CA GLY A 278 -19.41 10.33 8.84
C GLY A 278 -20.38 11.42 9.23
N TRP A 279 -21.65 11.29 8.85
CA TRP A 279 -22.67 12.28 9.24
C TRP A 279 -23.58 11.77 10.36
N SER A 280 -23.55 12.45 11.50
CA SER A 280 -24.50 12.15 12.57
C SER A 280 -25.68 13.10 12.46
N PRO A 281 -26.91 12.55 12.33
CA PRO A 281 -28.13 13.33 12.18
C PRO A 281 -28.48 14.13 13.43
N PRO A 282 -29.09 15.34 13.24
CA PRO A 282 -29.60 16.16 14.36
C PRO A 282 -30.66 15.47 15.24
N GLU A 283 -30.90 16.04 16.41
CA GLU A 283 -31.85 15.50 17.39
C GLU A 283 -33.28 15.55 16.81
N GLY A 284 -33.88 14.38 16.64
CA GLY A 284 -35.24 14.28 16.11
C GLY A 284 -35.32 13.67 14.72
N VAL A 285 -34.21 13.70 13.99
CA VAL A 285 -34.16 13.14 12.65
C VAL A 285 -34.09 11.60 12.71
N GLY A 286 -33.19 11.08 13.57
CA GLY A 286 -32.99 9.62 13.74
C GLY A 286 -32.04 9.04 12.71
N GLU A 287 -31.79 7.73 12.78
CA GLU A 287 -30.88 7.04 11.83
C GLU A 287 -31.54 6.51 10.56
N LEU A 288 -32.88 6.51 10.53
CA LEU A 288 -33.59 6.03 9.36
C LEU A 288 -34.21 7.22 8.66
N PHE A 289 -33.58 7.62 7.55
CA PHE A 289 -33.99 8.79 6.77
C PHE A 289 -33.78 8.57 5.28
N THR A 290 -34.60 9.22 4.46
CA THR A 290 -34.44 9.21 3.00
C THR A 290 -33.30 10.19 2.66
N LEU A 291 -32.92 10.32 1.39
CA LEU A 291 -31.97 11.38 1.01
C LEU A 291 -32.65 12.75 1.05
N ASP A 292 -33.95 12.78 0.73
CA ASP A 292 -34.72 14.01 0.76
C ASP A 292 -34.79 14.63 2.17
N LEU A 293 -34.82 13.79 3.21
CA LEU A 293 -34.84 14.25 4.61
C LEU A 293 -33.43 14.66 5.08
N ALA A 294 -32.44 13.86 4.69
CA ALA A 294 -31.02 14.14 5.02
C ALA A 294 -30.59 15.47 4.45
N ALA A 295 -31.21 15.85 3.34
CA ALA A 295 -30.93 17.10 2.66
C ALA A 295 -31.44 18.30 3.45
N LYS A 296 -32.64 18.18 4.04
CA LYS A 296 -33.24 19.25 4.86
C LYS A 296 -32.33 19.69 5.99
N HIS A 297 -31.51 18.76 6.47
CA HIS A 297 -30.71 18.96 7.67
C HIS A 297 -29.18 18.87 7.54
N PHE A 298 -28.69 18.54 6.34
CA PHE A 298 -27.26 18.34 6.14
C PHE A 298 -26.41 19.61 6.34
N SER A 299 -25.26 19.44 6.99
CA SER A 299 -24.26 20.49 7.23
C SER A 299 -22.90 19.83 7.49
N PHE A 300 -21.82 20.53 7.12
CA PHE A 300 -20.46 20.01 7.29
C PHE A 300 -19.97 20.03 8.73
N GLU A 301 -20.55 20.92 9.54
CA GLU A 301 -20.31 21.02 10.99
C GLU A 301 -20.51 19.64 11.67
N ARG A 302 -21.58 18.95 11.26
CA ARG A 302 -21.98 17.68 11.84
C ARG A 302 -21.31 16.42 11.24
N ILE A 303 -20.28 16.62 10.41
CA ILE A 303 -19.45 15.53 9.90
C ILE A 303 -18.49 15.08 11.00
N ASN A 304 -18.57 13.79 11.36
CA ASN A 304 -17.65 13.13 12.31
C ASN A 304 -16.25 13.33 11.73
N LYS A 305 -15.39 13.99 12.50
CA LYS A 305 -14.09 14.44 11.96
C LYS A 305 -13.00 13.36 11.90
N ALA A 306 -13.35 12.13 12.26
CA ALA A 306 -12.46 11.00 12.03
C ALA A 306 -13.19 9.88 11.31
N GLY A 307 -12.44 8.82 10.99
CA GLY A 307 -12.95 7.68 10.26
C GLY A 307 -14.18 6.99 10.86
N ALA A 308 -15.14 6.70 10.00
CA ALA A 308 -16.30 5.96 10.39
C ALA A 308 -15.97 4.53 10.05
N ARG A 309 -15.99 3.69 11.09
CA ARG A 309 -15.78 2.25 10.91
C ARG A 309 -16.99 1.66 10.17
N PHE A 310 -16.73 0.85 9.16
CA PHE A 310 -17.78 0.23 8.38
C PHE A 310 -18.35 -0.92 9.20
N ASP A 311 -19.67 -0.89 9.49
CA ASP A 311 -20.33 -1.90 10.32
C ASP A 311 -21.42 -2.64 9.58
N TRP A 312 -21.17 -3.92 9.32
CA TRP A 312 -22.14 -4.81 8.64
C TRP A 312 -23.44 -4.89 9.42
N ASP A 313 -23.32 -4.90 10.74
CA ASP A 313 -24.47 -5.01 11.61
C ASP A 313 -25.43 -3.83 11.48
N LYS A 314 -24.88 -2.64 11.24
CA LYS A 314 -25.69 -1.44 11.06
C LYS A 314 -26.24 -1.36 9.66
N LEU A 315 -25.47 -1.77 8.65
CA LEU A 315 -25.98 -1.82 7.28
C LEU A 315 -27.17 -2.80 7.17
N ASN A 316 -26.99 -3.98 7.76
CA ASN A 316 -28.04 -4.98 7.91
C ASN A 316 -29.28 -4.45 8.66
N TRP A 317 -29.05 -3.70 9.74
CA TRP A 317 -30.14 -3.13 10.55
C TRP A 317 -31.01 -2.19 9.70
N LEU A 318 -30.36 -1.45 8.83
CA LEU A 318 -31.02 -0.53 7.94
C LEU A 318 -31.71 -1.25 6.85
N ASN A 319 -31.00 -2.22 6.24
CA ASN A 319 -31.52 -2.93 5.08
C ASN A 319 -32.80 -3.68 5.40
N ARG A 320 -32.82 -4.29 6.59
CA ARG A 320 -33.99 -4.95 7.17
C ARG A 320 -35.16 -3.98 7.19
N GLN A 321 -34.90 -2.74 7.65
CA GLN A 321 -35.92 -1.68 7.69
C GLN A 321 -36.45 -1.28 6.31
N TYR A 322 -35.58 -1.28 5.29
CA TYR A 322 -36.02 -0.93 3.94
C TYR A 322 -36.77 -2.08 3.27
N ILE A 323 -36.26 -3.30 3.45
CA ILE A 323 -36.91 -4.51 2.99
C ILE A 323 -38.34 -4.53 3.53
N GLN A 324 -38.54 -4.08 4.77
CA GLN A 324 -39.87 -4.06 5.37
C GLN A 324 -40.74 -2.95 4.77
N GLN A 325 -40.11 -1.97 4.12
CA GLN A 325 -40.81 -0.84 3.46
C GLN A 325 -41.29 -1.24 2.07
N LEU A 326 -40.64 -2.26 1.49
CA LEU A 326 -41.03 -2.84 0.20
C LEU A 326 -42.47 -3.37 0.19
N GLU A 327 -43.19 -3.08 -0.88
CA GLU A 327 -44.54 -3.63 -1.05
C GLU A 327 -44.43 -5.15 -1.27
N PRO A 328 -45.39 -5.94 -0.69
CA PRO A 328 -45.33 -7.41 -0.76
C PRO A 328 -45.17 -7.94 -2.17
N GLU A 329 -45.80 -7.27 -3.14
CA GLU A 329 -45.74 -7.66 -4.54
C GLU A 329 -44.34 -7.38 -5.16
N GLU A 330 -43.77 -6.20 -4.87
CA GLU A 330 -42.41 -5.86 -5.33
C GLU A 330 -41.41 -6.78 -4.66
N PHE A 331 -41.60 -6.99 -3.35
CA PHE A 331 -40.70 -7.80 -2.55
C PHE A 331 -40.58 -9.23 -3.09
N LEU A 332 -41.74 -9.85 -3.39
CA LEU A 332 -41.82 -11.19 -3.98
C LEU A 332 -41.07 -11.24 -5.33
N ALA A 333 -41.27 -10.22 -6.16
CA ALA A 333 -40.59 -10.12 -7.45
C ALA A 333 -39.06 -10.18 -7.32
N GLU A 334 -38.52 -9.58 -6.25
CA GLU A 334 -37.06 -9.55 -5.94
C GLU A 334 -36.52 -10.93 -5.57
N LEU A 335 -37.43 -11.73 -5.01
CA LEU A 335 -37.11 -13.05 -4.48
C LEU A 335 -37.17 -14.15 -5.50
N ILE A 336 -38.14 -14.10 -6.39
CA ILE A 336 -38.32 -15.12 -7.43
C ILE A 336 -37.02 -15.50 -8.20
N PRO A 337 -36.26 -14.52 -8.77
CA PRO A 337 -35.05 -14.98 -9.51
C PRO A 337 -33.99 -15.54 -8.59
N LEU A 338 -34.04 -15.13 -7.33
CA LEU A 338 -33.12 -15.61 -6.31
C LEU A 338 -33.38 -17.08 -6.08
N TRP A 339 -34.61 -17.41 -5.74
CA TRP A 339 -35.06 -18.77 -5.64
C TRP A 339 -34.84 -19.58 -6.96
N GLN A 340 -35.22 -19.00 -8.10
CA GLN A 340 -34.92 -19.59 -9.41
C GLN A 340 -33.44 -19.92 -9.57
N GLY A 341 -32.56 -18.96 -9.21
CA GLY A 341 -31.10 -19.14 -9.27
C GLY A 341 -30.53 -20.26 -8.39
N ALA A 342 -31.25 -20.59 -7.30
CA ALA A 342 -30.84 -21.65 -6.38
C ALA A 342 -31.19 -23.03 -6.93
N GLY A 343 -32.03 -23.05 -7.98
CA GLY A 343 -32.46 -24.28 -8.61
C GLY A 343 -33.74 -24.80 -8.02
N TYR A 344 -34.37 -24.00 -7.14
CA TYR A 344 -35.64 -24.37 -6.51
C TYR A 344 -36.74 -24.50 -7.57
N ALA A 345 -37.43 -25.64 -7.55
CA ALA A 345 -38.49 -25.90 -8.50
C ALA A 345 -39.83 -25.30 -8.05
N PHE A 346 -40.35 -24.39 -8.87
CA PHE A 346 -41.67 -23.78 -8.69
C PHE A 346 -42.11 -23.09 -9.96
N ASP A 347 -43.40 -22.74 -10.01
CA ASP A 347 -43.89 -22.00 -11.15
C ASP A 347 -44.48 -20.70 -10.68
N GLU A 348 -43.86 -19.60 -11.14
CA GLU A 348 -44.25 -18.23 -10.76
C GLU A 348 -45.73 -17.97 -10.76
N GLU A 349 -46.42 -18.54 -11.76
CA GLU A 349 -47.83 -18.31 -12.00
C GLU A 349 -48.68 -19.28 -11.18
N ARG A 350 -48.38 -20.57 -11.32
CA ARG A 350 -49.17 -21.65 -10.71
C ARG A 350 -49.07 -21.62 -9.18
N ASP A 351 -47.82 -21.49 -8.71
CA ASP A 351 -47.48 -21.55 -7.28
C ASP A 351 -47.56 -20.21 -6.55
N ARG A 352 -48.08 -19.17 -7.21
CA ARG A 352 -48.16 -17.80 -6.64
C ARG A 352 -48.70 -17.67 -5.20
N PRO A 353 -49.93 -18.19 -4.90
CA PRO A 353 -50.54 -17.95 -3.57
C PRO A 353 -49.65 -18.29 -2.36
N TRP A 354 -48.98 -19.43 -2.39
CA TRP A 354 -48.06 -19.79 -1.29
C TRP A 354 -46.69 -19.12 -1.40
N LEU A 355 -46.28 -18.80 -2.64
CA LEU A 355 -45.04 -18.07 -2.89
C LEU A 355 -45.11 -16.72 -2.22
N PHE A 356 -46.27 -16.08 -2.38
CA PHE A 356 -46.58 -14.81 -1.76
C PHE A 356 -46.55 -15.01 -0.24
N ASP A 357 -47.34 -15.98 0.27
CA ASP A 357 -47.34 -16.34 1.69
C ASP A 357 -45.91 -16.54 2.22
N LEU A 358 -45.06 -17.20 1.42
CA LEU A 358 -43.64 -17.34 1.77
C LEU A 358 -42.91 -15.99 1.87
N ALA A 359 -43.14 -15.10 0.91
CA ALA A 359 -42.62 -13.73 0.98
C ALA A 359 -43.09 -13.02 2.25
N GLN A 360 -44.40 -13.04 2.50
CA GLN A 360 -45.03 -12.46 3.72
C GLN A 360 -44.31 -12.95 4.97
N LEU A 361 -44.08 -14.27 5.03
CA LEU A 361 -43.38 -14.92 6.14
C LEU A 361 -41.89 -14.52 6.27
N LEU A 362 -41.15 -14.63 5.17
CA LEU A 362 -39.73 -14.34 5.23
C LEU A 362 -39.34 -12.85 5.39
N GLN A 363 -40.19 -11.94 4.92
CA GLN A 363 -39.90 -10.48 4.96
C GLN A 363 -39.32 -9.90 6.30
N PRO A 364 -40.06 -10.01 7.45
CA PRO A 364 -39.66 -9.35 8.73
C PRO A 364 -38.24 -9.60 9.28
N GLY A 365 -37.58 -10.67 8.83
CA GLY A 365 -36.28 -11.07 9.38
C GLY A 365 -35.16 -11.35 8.39
N LEU A 366 -35.20 -10.67 7.25
CA LEU A 366 -34.13 -10.76 6.28
C LEU A 366 -33.24 -9.52 6.41
N ASN A 367 -31.93 -9.76 6.54
CA ASN A 367 -30.90 -8.70 6.48
C ASN A 367 -30.47 -8.34 5.05
N THR A 368 -30.50 -9.33 4.17
CA THR A 368 -30.25 -9.14 2.77
C THR A 368 -31.35 -9.91 2.05
N LEU A 369 -31.62 -9.51 0.81
CA LEU A 369 -32.52 -10.23 -0.08
C LEU A 369 -32.03 -11.66 -0.30
N ARG A 370 -30.70 -11.87 -0.43
CA ARG A 370 -30.11 -13.22 -0.59
C ARG A 370 -30.48 -14.20 0.49
N GLU A 371 -30.79 -13.70 1.69
CA GLU A 371 -31.17 -14.59 2.82
C GLU A 371 -32.43 -15.44 2.54
N ALA A 372 -33.21 -15.07 1.53
CA ALA A 372 -34.41 -15.83 1.19
C ALA A 372 -34.10 -17.21 0.57
N ILE A 373 -32.86 -17.41 0.15
CA ILE A 373 -32.43 -18.67 -0.44
C ILE A 373 -32.39 -19.75 0.64
N ASP A 374 -31.50 -19.60 1.62
CA ASP A 374 -31.37 -20.56 2.70
C ASP A 374 -32.61 -20.59 3.56
N GLN A 375 -33.26 -19.45 3.74
CA GLN A 375 -34.48 -19.36 4.56
C GLN A 375 -35.70 -19.91 3.86
N GLY A 376 -35.58 -20.10 2.55
CA GLY A 376 -36.65 -20.71 1.75
C GLY A 376 -36.46 -22.19 1.51
N ALA A 377 -35.24 -22.69 1.76
CA ALA A 377 -34.84 -24.10 1.47
C ALA A 377 -35.87 -25.13 1.91
N VAL A 378 -36.36 -24.96 3.14
CA VAL A 378 -37.35 -25.88 3.75
C VAL A 378 -38.72 -25.90 2.99
N PHE A 379 -38.98 -24.87 2.18
CA PHE A 379 -40.25 -24.75 1.43
C PHE A 379 -40.10 -25.15 -0.04
N PHE A 380 -38.85 -25.29 -0.49
CA PHE A 380 -38.58 -25.66 -1.87
C PHE A 380 -37.93 -27.00 -2.06
N ILE A 381 -37.10 -27.42 -1.10
CA ILE A 381 -36.52 -28.76 -1.10
C ILE A 381 -37.57 -29.71 -0.47
N PRO A 382 -38.04 -30.74 -1.26
CA PRO A 382 -39.16 -31.62 -0.84
C PRO A 382 -38.88 -32.36 0.45
N SER A 383 -37.74 -33.05 0.48
CA SER A 383 -37.35 -33.87 1.65
C SER A 383 -36.67 -33.03 2.74
N VAL A 384 -36.98 -33.37 3.97
CA VAL A 384 -36.33 -32.76 5.12
C VAL A 384 -35.46 -33.78 5.81
N THR A 385 -34.23 -33.40 6.09
CA THR A 385 -33.35 -34.22 6.90
C THR A 385 -33.45 -33.66 8.31
N PHE A 386 -33.54 -34.55 9.29
CA PHE A 386 -33.71 -34.13 10.68
C PHE A 386 -32.36 -33.89 11.37
N ASP A 387 -32.24 -32.75 12.04
CA ASP A 387 -31.06 -32.45 12.84
C ASP A 387 -31.06 -33.23 14.16
N SER A 388 -29.90 -33.25 14.83
CA SER A 388 -29.69 -33.96 16.11
C SER A 388 -30.79 -33.79 17.17
N GLU A 389 -31.46 -32.64 17.15
CA GLU A 389 -32.56 -32.31 18.07
C GLU A 389 -33.91 -32.79 17.60
N ALA A 390 -34.11 -32.73 16.28
CA ALA A 390 -35.33 -33.20 15.65
C ALA A 390 -35.43 -34.71 15.77
N MET A 391 -34.28 -35.37 15.55
CA MET A 391 -34.15 -36.81 15.63
C MET A 391 -34.43 -37.31 17.04
N ALA A 392 -34.01 -36.56 18.04
CA ALA A 392 -34.23 -36.91 19.45
C ALA A 392 -35.65 -36.58 19.89
N GLN A 393 -36.25 -35.55 19.25
CA GLN A 393 -37.65 -35.17 19.48
C GLN A 393 -38.58 -36.27 18.99
N LEU A 394 -38.39 -36.71 17.75
CA LEU A 394 -39.15 -37.82 17.18
C LEU A 394 -38.86 -39.13 17.90
N GLY A 395 -37.71 -39.21 18.56
CA GLY A 395 -37.37 -40.35 19.40
C GLY A 395 -38.11 -40.38 20.73
N GLN A 396 -38.86 -39.31 21.03
CA GLN A 396 -39.66 -39.25 22.25
C GLN A 396 -40.79 -40.30 22.18
N PRO A 397 -41.08 -40.98 23.31
CA PRO A 397 -42.12 -42.04 23.36
C PRO A 397 -43.49 -41.74 22.71
N GLN A 398 -43.98 -40.51 22.77
CA GLN A 398 -45.33 -40.22 22.25
C GLN A 398 -45.35 -39.58 20.87
N SER A 399 -44.16 -39.45 20.28
CA SER A 399 -44.06 -38.81 18.98
C SER A 399 -44.90 -39.51 17.90
N ALA A 400 -44.82 -40.85 17.83
CA ALA A 400 -45.58 -41.61 16.85
C ALA A 400 -47.07 -41.35 16.97
N THR A 401 -47.57 -41.27 18.22
CA THR A 401 -48.99 -41.07 18.47
C THR A 401 -49.42 -39.69 17.96
N ILE A 402 -48.56 -38.69 18.18
CA ILE A 402 -48.86 -37.30 17.80
C ILE A 402 -48.99 -37.21 16.29
N LEU A 403 -47.91 -37.57 15.60
CA LEU A 403 -47.84 -37.56 14.15
C LEU A 403 -48.98 -38.32 13.42
N ALA A 404 -49.26 -39.57 13.86
CA ALA A 404 -50.34 -40.38 13.29
C ALA A 404 -51.69 -39.72 13.46
N TYR A 405 -51.89 -38.99 14.55
CA TYR A 405 -53.13 -38.24 14.73
C TYR A 405 -53.22 -37.11 13.70
N LEU A 406 -52.12 -36.38 13.56
CA LEU A 406 -52.05 -35.24 12.68
C LEU A 406 -52.33 -35.66 11.24
N LEU A 407 -51.64 -36.71 10.82
CA LEU A 407 -51.69 -37.26 9.47
C LEU A 407 -53.09 -37.74 9.08
N GLU A 408 -53.79 -38.35 10.04
CA GLU A 408 -55.13 -38.88 9.86
C GLU A 408 -56.20 -37.79 9.81
N HIS A 409 -55.90 -36.62 10.40
CA HIS A 409 -56.89 -35.57 10.49
C HIS A 409 -56.61 -34.29 9.69
N LEU A 410 -55.62 -34.34 8.80
CA LEU A 410 -55.32 -33.21 7.91
C LEU A 410 -56.47 -33.03 6.95
N PRO A 411 -56.96 -31.78 6.83
CA PRO A 411 -58.01 -31.45 5.85
C PRO A 411 -57.52 -31.60 4.42
N ALA A 412 -58.42 -32.03 3.54
CA ALA A 412 -58.15 -32.19 2.12
C ALA A 412 -58.05 -30.83 1.45
N GLU A 413 -58.91 -29.89 1.88
CA GLU A 413 -59.02 -28.50 1.32
C GLU A 413 -57.69 -27.74 1.38
N PRO A 414 -57.32 -27.01 0.30
CA PRO A 414 -55.98 -26.40 0.17
C PRO A 414 -55.58 -25.39 1.24
N ALA A 415 -56.53 -24.59 1.75
CA ALA A 415 -56.24 -23.57 2.76
C ALA A 415 -56.40 -24.08 4.18
N LEU A 416 -55.33 -24.04 4.96
CA LEU A 416 -55.38 -24.42 6.39
C LEU A 416 -55.50 -23.17 7.25
N THR A 417 -56.66 -22.99 7.87
CA THR A 417 -56.92 -21.85 8.79
C THR A 417 -56.03 -21.97 10.04
N VAL A 418 -55.79 -20.86 10.72
CA VAL A 418 -55.08 -20.92 12.00
C VAL A 418 -55.99 -21.66 13.03
N ALA A 419 -57.31 -21.49 12.93
CA ALA A 419 -58.29 -22.22 13.78
C ALA A 419 -58.12 -23.74 13.59
N MET A 420 -58.28 -24.23 12.35
CA MET A 420 -58.12 -25.65 12.03
C MET A 420 -56.77 -26.22 12.51
N GLY A 421 -55.70 -25.44 12.34
CA GLY A 421 -54.35 -25.78 12.82
C GLY A 421 -54.20 -25.92 14.32
N GLN A 422 -54.75 -24.96 15.08
CA GLN A 422 -54.73 -25.03 16.57
C GLN A 422 -55.59 -26.19 17.09
N GLN A 423 -56.72 -26.46 16.40
CA GLN A 423 -57.62 -27.58 16.71
C GLN A 423 -56.83 -28.87 16.61
N LEU A 424 -56.05 -28.99 15.54
CA LEU A 424 -55.26 -30.19 15.32
C LEU A 424 -54.20 -30.40 16.36
N ILE A 425 -53.42 -29.36 16.66
CA ILE A 425 -52.36 -29.55 17.66
C ILE A 425 -53.00 -29.93 18.99
N GLN A 426 -54.05 -29.21 19.38
CA GLN A 426 -54.78 -29.43 20.65
C GLN A 426 -55.26 -30.88 20.73
N GLN A 427 -55.88 -31.37 19.63
CA GLN A 427 -56.39 -32.75 19.56
C GLN A 427 -55.31 -33.84 19.48
N ALA A 428 -54.17 -33.56 18.84
CA ALA A 428 -53.02 -34.50 18.76
C ALA A 428 -52.34 -34.62 20.12
N ALA A 429 -52.41 -33.55 20.89
CA ALA A 429 -51.85 -33.49 22.19
C ALA A 429 -52.71 -34.31 23.10
N LYS A 430 -54.04 -34.06 23.07
CA LYS A 430 -55.02 -34.83 23.87
C LYS A 430 -54.88 -36.33 23.60
N ALA A 431 -54.69 -36.72 22.34
CA ALA A 431 -54.54 -38.15 21.97
C ALA A 431 -53.29 -38.78 22.60
N ALA A 432 -52.21 -38.00 22.73
CA ALA A 432 -50.93 -38.53 23.18
C ALA A 432 -50.74 -38.40 24.68
N GLY A 433 -51.49 -37.48 25.30
CA GLY A 433 -51.46 -37.21 26.72
C GLY A 433 -50.38 -36.21 27.05
N VAL A 434 -50.09 -35.34 26.09
CA VAL A 434 -48.99 -34.40 26.21
C VAL A 434 -49.50 -32.92 26.14
N LYS A 435 -48.59 -31.99 26.43
CA LYS A 435 -48.84 -30.54 26.39
C LYS A 435 -48.67 -30.05 24.93
N LYS A 436 -49.31 -28.92 24.60
CA LYS A 436 -49.26 -28.33 23.24
C LYS A 436 -47.85 -28.05 22.76
N GLY A 437 -46.97 -27.61 23.66
CA GLY A 437 -45.57 -27.33 23.33
C GLY A 437 -44.81 -28.49 22.71
N ALA A 438 -44.89 -29.64 23.36
CA ALA A 438 -44.26 -30.87 22.85
C ALA A 438 -44.87 -31.31 21.50
N THR A 439 -46.17 -31.00 21.32
CA THR A 439 -46.92 -31.34 20.10
C THR A 439 -46.41 -30.51 18.95
N MET A 440 -46.36 -29.19 19.14
CA MET A 440 -45.84 -28.22 18.19
C MET A 440 -44.42 -28.52 17.81
N ARG A 441 -43.63 -28.90 18.82
CA ARG A 441 -42.21 -29.23 18.66
CA ARG A 441 -42.21 -29.23 18.68
C ARG A 441 -42.04 -30.47 17.79
N THR A 442 -42.93 -31.44 17.94
CA THR A 442 -42.98 -32.66 17.11
C THR A 442 -43.41 -32.32 15.65
N LEU A 443 -44.37 -31.41 15.53
CA LEU A 443 -44.87 -30.94 14.23
C LEU A 443 -43.76 -30.18 13.50
N ARG A 444 -43.09 -29.30 14.22
CA ARG A 444 -41.92 -28.59 13.74
C ARG A 444 -40.87 -29.55 13.21
N ALA A 445 -40.53 -30.56 14.01
CA ALA A 445 -39.53 -31.55 13.61
C ALA A 445 -39.93 -32.21 12.28
N ALA A 446 -41.21 -32.55 12.17
CA ALA A 446 -41.78 -33.19 10.98
C ALA A 446 -41.74 -32.32 9.73
N LEU A 447 -42.13 -31.05 9.91
CA LEU A 447 -42.27 -30.14 8.82
C LEU A 447 -40.97 -29.45 8.39
N THR A 448 -40.01 -29.31 9.31
CA THR A 448 -38.79 -28.52 9.03
C THR A 448 -37.44 -29.23 9.20
N GLY A 449 -37.43 -30.29 10.01
CA GLY A 449 -36.20 -31.02 10.30
C GLY A 449 -35.41 -30.41 11.45
N ALA A 450 -35.96 -29.34 12.02
CA ALA A 450 -35.38 -28.62 13.15
C ALA A 450 -36.38 -28.51 14.29
N VAL A 451 -35.92 -28.19 15.51
CA VAL A 451 -36.86 -27.93 16.62
C VAL A 451 -37.23 -26.44 16.73
N HIS A 452 -36.47 -25.58 16.03
CA HIS A 452 -36.76 -24.13 15.98
C HIS A 452 -36.63 -23.53 14.57
N GLY A 453 -37.43 -22.51 14.30
CA GLY A 453 -37.39 -21.82 13.03
C GLY A 453 -38.49 -20.80 12.89
N PRO A 454 -38.97 -20.58 11.63
CA PRO A 454 -40.01 -19.58 11.33
C PRO A 454 -41.35 -19.99 11.94
N ASP A 455 -42.25 -19.01 12.12
CA ASP A 455 -43.59 -19.23 12.66
C ASP A 455 -44.18 -20.51 12.07
N LEU A 456 -44.46 -21.45 12.96
CA LEU A 456 -44.84 -22.81 12.64
C LEU A 456 -46.17 -22.92 11.87
N MET A 457 -47.22 -22.30 12.40
CA MET A 457 -48.54 -22.25 11.75
C MET A 457 -48.48 -21.70 10.30
N ALA A 458 -47.64 -20.71 10.09
CA ALA A 458 -47.48 -20.12 8.77
C ALA A 458 -46.67 -21.01 7.84
N ALA A 459 -45.64 -21.65 8.38
CA ALA A 459 -44.82 -22.61 7.65
C ALA A 459 -45.68 -23.79 7.21
N TRP A 460 -46.58 -24.21 8.10
CA TRP A 460 -47.49 -25.32 7.87
C TRP A 460 -48.55 -24.92 6.82
N GLN A 461 -49.13 -23.72 6.98
CA GLN A 461 -50.04 -23.12 5.99
C GLN A 461 -49.43 -23.13 4.60
N ILE A 462 -48.17 -22.72 4.47
CA ILE A 462 -47.45 -22.72 3.19
C ILE A 462 -47.33 -24.13 2.67
N LEU A 463 -46.74 -25.01 3.49
CA LEU A 463 -46.51 -26.41 3.11
C LEU A 463 -47.82 -27.18 2.82
N HIS A 464 -48.93 -26.75 3.46
CA HIS A 464 -50.23 -27.36 3.19
C HIS A 464 -50.72 -27.03 1.80
N GLN A 465 -50.54 -25.77 1.37
CA GLN A 465 -50.90 -25.31 0.01
C GLN A 465 -50.12 -26.06 -1.06
N ARG A 466 -48.89 -26.45 -0.72
CA ARG A 466 -48.08 -27.30 -1.61
C ARG A 466 -48.52 -28.78 -1.57
N GLY A 467 -49.18 -29.16 -0.47
CA GLY A 467 -49.57 -30.55 -0.20
C GLY A 467 -48.42 -31.34 0.40
N TRP A 468 -47.46 -30.61 1.00
CA TRP A 468 -46.18 -31.19 1.46
C TRP A 468 -46.15 -31.61 2.91
N ASP A 469 -47.04 -31.01 3.73
CA ASP A 469 -47.18 -31.43 5.14
C ASP A 469 -47.49 -32.94 5.29
N GLU A 470 -48.30 -33.45 4.36
CA GLU A 470 -48.75 -34.85 4.35
C GLU A 470 -47.61 -35.86 4.19
N PRO A 471 -46.75 -35.76 3.12
CA PRO A 471 -45.59 -36.67 3.05
C PRO A 471 -44.50 -36.46 4.13
N ARG A 472 -44.36 -35.22 4.63
CA ARG A 472 -43.41 -34.90 5.72
C ARG A 472 -43.81 -35.51 7.07
N LEU A 473 -45.10 -35.40 7.37
CA LEU A 473 -45.66 -36.02 8.56
C LEU A 473 -45.55 -37.52 8.41
N ALA A 474 -45.71 -38.03 7.19
CA ALA A 474 -45.55 -39.45 7.00
C ALA A 474 -44.10 -39.88 7.21
N ALA A 475 -43.14 -39.08 6.72
CA ALA A 475 -41.69 -39.39 6.85
C ALA A 475 -41.23 -39.32 8.31
N ALA A 476 -41.86 -38.44 9.09
CA ALA A 476 -41.51 -38.24 10.49
C ALA A 476 -42.10 -39.35 11.35
N LEU A 477 -43.33 -39.76 11.01
CA LEU A 477 -44.00 -40.89 11.65
C LEU A 477 -43.21 -42.18 11.44
N LYS A 478 -42.69 -42.39 10.23
CA LYS A 478 -41.90 -43.57 9.90
C LYS A 478 -40.58 -43.53 10.67
N GLN A 479 -40.06 -42.31 10.86
CA GLN A 479 -38.82 -42.06 11.61
C GLN A 479 -38.99 -42.31 13.10
N ALA A 480 -40.12 -41.83 13.65
CA ALA A 480 -40.50 -42.05 15.04
C ALA A 480 -40.60 -43.55 15.35
N GLN A 481 -41.16 -44.29 14.39
CA GLN A 481 -41.41 -45.73 14.50
C GLN A 481 -40.16 -46.61 14.43
N THR A 482 -39.12 -46.16 13.71
CA THR A 482 -37.84 -46.89 13.61
C THR A 482 -37.04 -46.91 14.91
N THR A 483 -37.31 -45.92 15.78
CA THR A 483 -36.76 -45.87 17.13
C THR A 483 -37.54 -46.88 17.99
N SER A 484 -38.84 -47.01 17.71
CA SER A 484 -39.74 -47.93 18.40
C SER A 484 -39.68 -49.34 17.78
N THR B 1 22.44 -31.73 0.96
CA THR B 1 22.25 -30.47 0.16
C THR B 1 21.47 -29.40 0.94
N VAL B 2 22.09 -28.22 1.03
CA VAL B 2 21.58 -27.07 1.77
C VAL B 2 20.56 -26.26 0.94
N ARG B 3 19.39 -26.05 1.53
CA ARG B 3 18.36 -25.26 0.87
C ARG B 3 17.93 -24.08 1.75
N VAL B 4 18.22 -22.88 1.28
CA VAL B 4 17.86 -21.65 2.01
C VAL B 4 16.91 -20.76 1.19
N ARG B 5 16.29 -19.79 1.85
CA ARG B 5 15.41 -18.86 1.16
C ARG B 5 15.40 -17.52 1.74
N LEU B 6 15.14 -16.56 0.86
CA LEU B 6 14.72 -15.26 1.23
C LEU B 6 13.22 -15.22 1.01
N ALA B 7 12.51 -14.76 2.01
CA ALA B 7 11.05 -14.65 1.91
C ALA B 7 10.57 -13.19 2.18
N PRO B 8 10.84 -12.28 1.22
CA PRO B 8 10.37 -10.92 1.46
C PRO B 8 8.93 -10.73 1.06
N SER B 9 8.28 -9.80 1.72
CA SER B 9 6.94 -9.43 1.34
C SER B 9 7.05 -8.12 0.59
N PRO B 10 6.55 -8.09 -0.66
CA PRO B 10 6.64 -6.94 -1.56
C PRO B 10 5.67 -5.83 -1.14
N THR B 11 5.92 -5.31 0.07
CA THR B 11 5.05 -4.33 0.72
C THR B 11 5.73 -2.98 0.85
N GLY B 12 7.03 -2.98 0.50
CA GLY B 12 7.90 -1.82 0.46
C GLY B 12 9.10 -2.22 -0.37
N ASN B 13 10.05 -1.28 -0.56
CA ASN B 13 11.22 -1.55 -1.40
C ASN B 13 12.22 -2.40 -0.67
N LEU B 14 13.17 -2.95 -1.43
CA LEU B 14 14.22 -3.80 -0.88
C LEU B 14 15.12 -2.98 0.01
N HIS B 15 15.05 -3.22 1.28
CA HIS B 15 15.87 -2.51 2.23
C HIS B 15 17.13 -3.28 2.62
N ILE B 16 18.03 -2.53 3.25
CA ILE B 16 19.35 -2.98 3.71
C ILE B 16 19.25 -4.23 4.62
N GLY B 17 18.28 -4.21 5.56
CA GLY B 17 18.07 -5.31 6.50
C GLY B 17 17.78 -6.61 5.80
N THR B 18 16.88 -6.54 4.83
CA THR B 18 16.48 -7.70 4.05
C THR B 18 17.57 -8.16 3.07
N ALA B 19 18.30 -7.22 2.46
CA ALA B 19 19.37 -7.57 1.53
C ALA B 19 20.55 -8.21 2.27
N ARG B 20 20.79 -7.79 3.50
CA ARG B 20 21.83 -8.44 4.30
C ARG B 20 21.47 -9.93 4.61
N THR B 21 20.23 -10.16 5.04
CA THR B 21 19.66 -11.50 5.21
C THR B 21 19.89 -12.31 3.91
N ALA B 22 19.48 -11.74 2.79
CA ALA B 22 19.74 -12.30 1.48
C ALA B 22 21.23 -12.63 1.24
N VAL B 23 22.13 -11.72 1.65
CA VAL B 23 23.58 -11.90 1.51
C VAL B 23 24.04 -13.18 2.27
N PHE B 24 23.68 -13.28 3.56
CA PHE B 24 24.02 -14.45 4.40
C PHE B 24 23.45 -15.72 3.85
N ASN B 25 22.21 -15.64 3.36
CA ASN B 25 21.59 -16.78 2.68
C ASN B 25 22.39 -17.22 1.48
N TRP B 26 22.68 -16.26 0.58
CA TRP B 26 23.46 -16.53 -0.63
C TRP B 26 24.82 -17.12 -0.27
N LEU B 27 25.44 -16.55 0.76
CA LEU B 27 26.75 -16.98 1.23
C LEU B 27 26.75 -18.41 1.79
N TYR B 28 25.75 -18.72 2.62
CA TYR B 28 25.70 -20.02 3.24
C TYR B 28 25.38 -21.13 2.23
N ALA B 29 24.56 -20.81 1.22
CA ALA B 29 24.19 -21.80 0.22
C ALA B 29 25.38 -22.12 -0.67
N ARG B 30 26.14 -21.07 -1.03
CA ARG B 30 27.30 -21.16 -1.93
C ARG B 30 28.48 -21.85 -1.24
N HIS B 31 28.57 -21.65 0.08
CA HIS B 31 29.59 -22.33 0.89
C HIS B 31 29.34 -23.82 0.86
N ARG B 32 28.07 -24.18 1.10
CA ARG B 32 27.63 -25.56 1.27
C ARG B 32 27.15 -26.23 -0.02
N GLY B 33 27.42 -25.60 -1.17
CA GLY B 33 27.06 -26.15 -2.50
C GLY B 33 25.57 -26.43 -2.69
N GLY B 34 24.74 -25.64 -2.01
CA GLY B 34 23.29 -25.79 -2.04
C GLY B 34 22.55 -24.74 -2.84
N LYS B 35 21.24 -24.63 -2.61
CA LYS B 35 20.38 -23.71 -3.39
C LYS B 35 19.91 -22.53 -2.58
N PHE B 36 19.68 -21.42 -3.25
CA PHE B 36 19.11 -20.23 -2.66
C PHE B 36 17.77 -20.01 -3.36
N ILE B 37 16.70 -20.09 -2.56
CA ILE B 37 15.30 -19.93 -3.02
C ILE B 37 14.76 -18.50 -2.71
N LEU B 38 14.07 -17.92 -3.67
CA LEU B 38 13.38 -16.67 -3.50
C LEU B 38 11.86 -16.89 -3.46
N ARG B 39 11.27 -16.66 -2.29
CA ARG B 39 9.83 -16.78 -2.11
C ARG B 39 9.26 -15.41 -1.81
N ILE B 40 8.37 -14.94 -2.66
CA ILE B 40 7.75 -13.63 -2.51
C ILE B 40 6.46 -13.82 -1.71
N GLU B 41 6.46 -13.28 -0.50
CA GLU B 41 5.35 -13.51 0.47
C GLU B 41 4.25 -12.46 0.30
N ASP B 42 3.48 -12.64 -0.74
CA ASP B 42 2.49 -11.66 -1.17
C ASP B 42 1.01 -12.04 -0.83
N THR B 43 0.80 -12.68 0.33
CA THR B 43 -0.59 -13.00 0.71
C THR B 43 -1.33 -11.75 1.22
N ASP B 44 -0.59 -10.79 1.81
CA ASP B 44 -1.19 -9.49 2.22
C ASP B 44 -1.57 -8.70 0.99
N ARG B 45 -2.85 -8.73 0.65
CA ARG B 45 -3.38 -8.15 -0.58
C ARG B 45 -3.39 -6.63 -0.52
N GLU B 46 -3.69 -6.10 0.67
CA GLU B 46 -3.83 -4.67 0.96
C GLU B 46 -2.57 -3.86 0.68
N ARG B 47 -1.40 -4.46 0.97
CA ARG B 47 -0.12 -3.73 0.94
C ARG B 47 0.88 -4.25 -0.11
N SER B 48 0.61 -5.44 -0.68
CA SER B 48 1.50 -5.98 -1.71
C SER B 48 1.23 -5.27 -3.01
N ARG B 49 2.32 -4.88 -3.66
CA ARG B 49 2.31 -4.17 -4.92
C ARG B 49 3.45 -4.69 -5.82
N PRO B 50 3.18 -4.87 -7.15
CA PRO B 50 4.16 -5.43 -8.10
C PRO B 50 5.42 -4.60 -8.26
N GLU B 51 5.33 -3.30 -8.01
CA GLU B 51 6.46 -2.41 -8.14
C GLU B 51 7.53 -2.80 -7.15
N TYR B 52 7.10 -3.23 -5.96
CA TYR B 52 8.01 -3.62 -4.88
C TYR B 52 8.71 -4.93 -5.16
N THR B 53 7.98 -5.85 -5.80
CA THR B 53 8.50 -7.16 -6.27
C THR B 53 9.61 -6.89 -7.24
N GLU B 54 9.34 -6.04 -8.22
CA GLU B 54 10.29 -5.67 -9.22
C GLU B 54 11.50 -5.00 -8.57
N ASN B 55 11.24 -4.06 -7.65
CA ASN B 55 12.31 -3.44 -6.87
C ASN B 55 13.17 -4.47 -6.11
N ILE B 56 12.51 -5.39 -5.41
CA ILE B 56 13.19 -6.51 -4.74
C ILE B 56 14.10 -7.34 -5.69
N LEU B 57 13.53 -7.79 -6.80
CA LEU B 57 14.24 -8.62 -7.79
C LEU B 57 15.42 -7.89 -8.42
N GLU B 58 15.25 -6.59 -8.61
CA GLU B 58 16.25 -5.73 -9.21
C GLU B 58 17.42 -5.54 -8.27
N GLY B 59 17.10 -5.27 -6.99
CA GLY B 59 18.11 -5.05 -5.95
C GLY B 59 18.96 -6.31 -5.77
N LEU B 60 18.30 -7.45 -5.69
CA LEU B 60 18.97 -8.73 -5.55
C LEU B 60 19.93 -9.02 -6.70
N GLN B 61 19.47 -8.78 -7.94
CA GLN B 61 20.27 -9.07 -9.14
C GLN B 61 21.48 -8.15 -9.20
N TRP B 62 21.22 -6.86 -8.95
CA TRP B 62 22.25 -5.81 -8.92
C TRP B 62 23.41 -6.12 -7.93
N LEU B 63 23.04 -6.60 -6.73
CA LEU B 63 24.00 -7.01 -5.70
C LEU B 63 24.79 -8.29 -6.03
N GLY B 64 24.35 -9.02 -7.06
CA GLY B 64 24.97 -10.30 -7.43
C GLY B 64 24.39 -11.49 -6.65
N LEU B 65 23.27 -11.25 -5.95
CA LEU B 65 22.57 -12.24 -5.15
C LEU B 65 21.57 -13.01 -6.02
N THR B 66 22.16 -13.78 -6.90
CA THR B 66 21.50 -14.65 -7.83
C THR B 66 20.77 -15.76 -7.07
N TRP B 67 19.51 -16.02 -7.46
CA TRP B 67 18.76 -17.13 -6.83
C TRP B 67 18.68 -18.32 -7.76
N ASP B 68 18.73 -19.50 -7.16
CA ASP B 68 18.69 -20.75 -7.90
C ASP B 68 17.27 -21.16 -8.24
N GLU B 69 16.31 -20.84 -7.35
CA GLU B 69 14.90 -21.20 -7.53
C GLU B 69 14.01 -20.03 -7.21
N GLY B 70 12.92 -19.93 -7.95
CA GLY B 70 12.00 -18.85 -7.79
C GLY B 70 12.13 -17.75 -8.84
N PRO B 71 11.43 -16.61 -8.63
CA PRO B 71 10.65 -16.39 -7.43
C PRO B 71 9.36 -17.19 -7.42
N TYR B 72 9.04 -17.78 -6.28
CA TYR B 72 7.73 -18.41 -6.09
C TYR B 72 6.85 -17.37 -5.43
N PHE B 73 5.56 -17.44 -5.67
CA PHE B 73 4.65 -16.44 -5.11
C PHE B 73 3.64 -17.14 -4.26
N GLN B 74 3.52 -16.66 -3.04
CA GLN B 74 2.57 -17.21 -2.12
C GLN B 74 1.11 -17.05 -2.60
N SER B 75 0.86 -16.09 -3.48
CA SER B 75 -0.49 -15.84 -3.98
C SER B 75 -0.92 -16.83 -5.12
N ASP B 76 0.03 -17.67 -5.61
CA ASP B 76 -0.21 -18.79 -6.56
C ASP B 76 -0.27 -20.13 -5.84
N ARG B 77 -0.35 -20.08 -4.51
CA ARG B 77 -0.19 -21.27 -3.69
C ARG B 77 -1.21 -21.36 -2.56
N LEU B 78 -2.33 -20.65 -2.70
CA LEU B 78 -3.28 -20.51 -1.56
C LEU B 78 -3.84 -21.77 -0.99
N ASP B 79 -4.14 -22.74 -1.84
CA ASP B 79 -4.75 -23.95 -1.34
C ASP B 79 -3.80 -24.87 -0.64
N LEU B 80 -2.51 -24.59 -0.73
CA LEU B 80 -1.53 -25.37 0.00
C LEU B 80 -1.68 -25.03 1.48
N TYR B 81 -1.96 -23.76 1.73
CA TYR B 81 -2.16 -23.24 3.06
C TYR B 81 -3.54 -23.69 3.55
N ARG B 82 -4.54 -23.67 2.67
CA ARG B 82 -5.89 -24.15 3.01
C ARG B 82 -5.83 -25.64 3.41
N GLN B 83 -5.07 -26.46 2.64
CA GLN B 83 -4.89 -27.88 2.93
CA GLN B 83 -4.91 -27.88 2.93
C GLN B 83 -4.29 -28.08 4.30
N ALA B 84 -3.14 -27.44 4.51
CA ALA B 84 -2.38 -27.53 5.79
C ALA B 84 -3.28 -27.30 6.99
N ILE B 85 -4.12 -26.25 6.92
CA ILE B 85 -5.01 -25.87 8.00
C ILE B 85 -6.06 -26.92 8.21
N GLN B 86 -6.73 -27.30 7.11
CA GLN B 86 -7.78 -28.36 7.09
C GLN B 86 -7.31 -29.66 7.73
N THR B 87 -6.04 -30.02 7.47
CA THR B 87 -5.39 -31.19 8.06
C THR B 87 -5.41 -31.04 9.58
N LEU B 88 -4.94 -29.88 10.07
CA LEU B 88 -4.85 -29.62 11.49
C LEU B 88 -6.22 -29.65 12.14
N LEU B 89 -7.24 -29.14 11.44
CA LEU B 89 -8.64 -29.31 11.91
C LEU B 89 -9.01 -30.75 12.02
N ASP B 90 -8.76 -31.51 10.96
CA ASP B 90 -9.13 -32.94 10.90
C ASP B 90 -8.46 -33.76 12.01
N LYS B 91 -7.23 -33.40 12.32
CA LYS B 91 -6.45 -34.09 13.33
C LYS B 91 -6.84 -33.60 14.77
N GLY B 92 -7.64 -32.54 14.83
CA GLY B 92 -8.09 -31.97 16.10
C GLY B 92 -7.04 -31.07 16.71
N LEU B 93 -6.00 -30.71 15.94
CA LEU B 93 -4.88 -29.86 16.34
C LEU B 93 -5.21 -28.37 16.16
N ALA B 94 -6.25 -28.09 15.41
CA ALA B 94 -6.76 -26.73 15.25
C ALA B 94 -8.27 -26.73 15.47
N TYR B 95 -8.83 -25.58 15.86
CA TYR B 95 -10.27 -25.46 16.14
C TYR B 95 -10.85 -24.14 15.74
N TYR B 96 -12.18 -24.10 15.71
CA TYR B 96 -12.91 -22.91 15.36
C TYR B 96 -13.07 -22.10 16.61
N CYS B 97 -12.60 -20.86 16.56
CA CYS B 97 -12.77 -19.90 17.67
C CYS B 97 -13.72 -18.76 17.25
N TYR B 98 -14.76 -18.58 18.07
CA TYR B 98 -15.84 -17.62 17.88
C TYR B 98 -15.73 -16.34 18.70
N CYS B 99 -14.55 -16.07 19.26
CA CYS B 99 -14.37 -14.88 20.09
C CYS B 99 -14.43 -13.65 19.25
N THR B 100 -15.36 -12.74 19.60
CA THR B 100 -15.40 -11.45 18.93
C THR B 100 -14.22 -10.56 19.40
N PRO B 101 -13.86 -9.51 18.61
CA PRO B 101 -12.84 -8.56 19.09
C PRO B 101 -13.25 -7.84 20.37
N GLU B 102 -14.57 -7.71 20.60
CA GLU B 102 -15.11 -7.12 21.80
C GLU B 102 -14.69 -7.96 23.01
N GLU B 103 -14.76 -9.28 22.85
CA GLU B 103 -14.49 -10.25 23.91
C GLU B 103 -12.99 -10.43 24.11
N LEU B 104 -12.21 -10.34 23.02
CA LEU B 104 -10.76 -10.42 23.13
C LEU B 104 -10.21 -9.23 23.93
N GLU B 105 -10.88 -8.08 23.79
CA GLU B 105 -10.60 -6.84 24.50
C GLU B 105 -10.95 -6.95 25.99
N ALA B 106 -12.20 -7.36 26.25
CA ALA B 106 -12.71 -7.55 27.58
C ALA B 106 -11.78 -8.42 28.40
N LEU B 107 -11.30 -9.51 27.78
CA LEU B 107 -10.41 -10.48 28.42
C LEU B 107 -9.03 -9.89 28.68
N ARG B 108 -8.45 -9.18 27.71
CA ARG B 108 -7.13 -8.59 27.93
C ARG B 108 -7.18 -7.57 29.07
N ALA B 109 -8.27 -6.80 29.13
CA ALA B 109 -8.48 -5.78 30.19
C ALA B 109 -8.69 -6.42 31.57
N GLU B 110 -9.35 -7.57 31.61
CA GLU B 110 -9.54 -8.29 32.87
C GLU B 110 -8.19 -8.83 33.34
N GLN B 111 -7.42 -9.34 32.37
CA GLN B 111 -6.11 -9.91 32.61
C GLN B 111 -5.17 -8.90 33.19
N LYS B 112 -5.20 -7.67 32.66
CA LYS B 112 -4.36 -6.58 33.17
C LYS B 112 -4.72 -6.18 34.62
N ALA B 113 -6.02 -6.14 34.92
CA ALA B 113 -6.54 -5.80 36.25
C ALA B 113 -6.12 -6.79 37.34
N LYS B 114 -5.62 -7.94 36.91
CA LYS B 114 -5.16 -9.01 37.78
C LYS B 114 -3.65 -9.26 37.54
N GLY B 115 -3.02 -8.34 36.80
CA GLY B 115 -1.57 -8.28 36.59
C GLY B 115 -0.95 -9.13 35.49
N GLN B 116 -1.76 -10.00 34.90
CA GLN B 116 -1.32 -11.05 33.97
C GLN B 116 -0.83 -10.57 32.60
N ALA B 117 0.03 -11.40 32.00
CA ALA B 117 0.49 -11.21 30.63
C ALA B 117 -0.72 -11.45 29.77
N PRO B 118 -0.97 -10.53 28.83
CA PRO B 118 -2.11 -10.73 27.96
C PRO B 118 -1.89 -11.91 27.03
N ARG B 119 -2.93 -12.71 26.89
CA ARG B 119 -2.91 -13.88 26.06
C ARG B 119 -4.31 -14.35 25.85
N TYR B 120 -4.51 -15.02 24.74
CA TYR B 120 -5.75 -15.70 24.50
C TYR B 120 -5.85 -16.85 25.54
N ASP B 121 -7.03 -16.98 26.18
CA ASP B 121 -7.28 -17.91 27.32
C ASP B 121 -7.69 -19.34 26.90
N ASN B 122 -7.65 -19.61 25.58
CA ASN B 122 -7.90 -20.92 25.01
C ASN B 122 -9.28 -21.46 25.27
N ARG B 123 -10.21 -20.53 25.43
CA ARG B 123 -11.57 -20.84 25.94
C ARG B 123 -12.40 -21.72 25.02
N HIS B 124 -12.11 -21.66 23.73
CA HIS B 124 -12.95 -22.24 22.74
C HIS B 124 -12.43 -23.56 22.21
N ARG B 125 -11.51 -24.16 22.97
CA ARG B 125 -10.90 -25.46 22.61
C ARG B 125 -11.89 -26.58 22.43
N HIS B 126 -12.78 -26.76 23.40
CA HIS B 126 -13.78 -27.86 23.37
C HIS B 126 -15.20 -27.34 23.48
N LEU B 127 -15.64 -26.77 22.36
CA LEU B 127 -16.99 -26.33 22.20
C LEU B 127 -17.80 -27.49 21.70
N THR B 128 -19.01 -27.63 22.25
CA THR B 128 -19.96 -28.65 21.81
C THR B 128 -20.50 -28.25 20.44
N PRO B 129 -20.98 -29.23 19.64
CA PRO B 129 -21.59 -28.87 18.34
C PRO B 129 -22.78 -27.89 18.46
N GLU B 130 -23.50 -27.92 19.60
CA GLU B 130 -24.60 -26.95 19.88
C GLU B 130 -24.08 -25.54 20.14
N GLU B 131 -22.93 -25.43 20.84
CA GLU B 131 -22.31 -24.12 21.13
C GLU B 131 -21.89 -23.46 19.84
N GLN B 132 -21.27 -24.24 18.94
CA GLN B 132 -20.85 -23.75 17.61
C GLN B 132 -22.08 -23.22 16.84
N ALA B 133 -23.10 -24.08 16.68
CA ALA B 133 -24.39 -23.73 16.04
C ALA B 133 -25.09 -22.50 16.64
N ALA B 134 -25.01 -22.34 17.97
CA ALA B 134 -25.54 -21.17 18.66
C ALA B 134 -24.81 -19.90 18.22
N PHE B 135 -23.46 -19.92 18.27
CA PHE B 135 -22.62 -18.83 17.76
C PHE B 135 -22.93 -18.54 16.27
N GLU B 136 -22.88 -19.59 15.41
CA GLU B 136 -23.16 -19.47 13.96
C GLU B 136 -24.52 -18.81 13.70
N ALA B 137 -25.52 -19.14 14.54
CA ALA B 137 -26.88 -18.58 14.44
C ALA B 137 -26.95 -17.07 14.71
N ALA B 138 -26.01 -16.57 15.54
CA ALA B 138 -25.85 -15.15 15.82
C ALA B 138 -24.84 -14.51 14.84
N GLY B 139 -24.78 -15.03 13.62
CA GLY B 139 -23.92 -14.52 12.56
C GLY B 139 -22.42 -14.61 12.78
N ARG B 140 -22.02 -15.23 13.89
CA ARG B 140 -20.59 -15.37 14.22
C ARG B 140 -19.94 -16.26 13.21
N THR B 141 -18.75 -15.85 12.79
CA THR B 141 -17.97 -16.63 11.87
C THR B 141 -16.59 -16.86 12.48
N PRO B 142 -16.24 -18.15 12.63
CA PRO B 142 -15.08 -18.50 13.41
C PRO B 142 -13.76 -18.23 12.69
N VAL B 143 -12.73 -17.89 13.48
CA VAL B 143 -11.34 -17.92 13.00
C VAL B 143 -10.84 -19.36 13.28
N ILE B 144 -9.62 -19.70 12.89
CA ILE B 144 -9.10 -21.01 13.23
C ILE B 144 -7.84 -20.80 14.02
N ARG B 145 -7.83 -21.36 15.24
CA ARG B 145 -6.66 -21.31 16.13
C ARG B 145 -5.99 -22.68 16.24
N PHE B 146 -4.67 -22.67 16.40
CA PHE B 146 -3.84 -23.85 16.47
C PHE B 146 -3.50 -24.04 17.92
N LYS B 147 -3.68 -25.25 18.44
CA LYS B 147 -3.49 -25.52 19.85
C LYS B 147 -2.04 -25.50 20.24
N ILE B 148 -1.76 -24.84 21.35
CA ILE B 148 -0.42 -24.77 21.88
C ILE B 148 -0.51 -25.11 23.33
N GLU B 149 0.28 -26.14 23.72
CA GLU B 149 0.31 -26.67 25.06
C GLU B 149 0.99 -25.67 26.00
N ASP B 150 0.25 -25.16 26.98
CA ASP B 150 0.87 -24.25 27.96
C ASP B 150 2.20 -24.81 28.52
N ASP B 151 2.21 -26.09 28.86
CA ASP B 151 3.32 -26.70 29.63
C ASP B 151 4.48 -27.23 28.82
N ARG B 152 4.50 -26.90 27.53
CA ARG B 152 5.49 -27.41 26.59
C ARG B 152 6.76 -26.56 26.56
N GLN B 153 7.89 -27.27 26.57
CA GLN B 153 9.22 -26.68 26.45
C GLN B 153 9.70 -26.88 25.00
N ILE B 154 9.90 -25.78 24.31
CA ILE B 154 10.28 -25.79 22.91
C ILE B 154 11.71 -25.32 22.88
N GLU B 155 12.60 -26.18 22.44
CA GLU B 155 13.96 -25.75 22.29
C GLU B 155 14.53 -26.01 20.92
N TRP B 156 15.53 -25.22 20.56
CA TRP B 156 16.29 -25.49 19.36
C TRP B 156 17.66 -24.98 19.56
N GLN B 157 18.58 -25.59 18.84
CA GLN B 157 19.99 -25.22 18.81
C GLN B 157 20.15 -24.22 17.65
N ASP B 158 20.04 -22.94 17.96
CA ASP B 158 20.20 -21.90 16.97
C ASP B 158 21.64 -21.89 16.48
N LEU B 159 21.81 -21.54 15.21
CA LEU B 159 23.12 -21.53 14.56
C LEU B 159 23.99 -20.41 15.05
N VAL B 160 23.34 -19.32 15.44
CA VAL B 160 23.96 -18.10 15.96
C VAL B 160 23.89 -18.11 17.48
N ARG B 161 22.65 -18.14 18.00
CA ARG B 161 22.38 -18.00 19.41
C ARG B 161 22.71 -19.20 20.30
N GLY B 162 22.94 -20.40 19.75
CA GLY B 162 23.09 -21.60 20.56
C GLY B 162 21.70 -22.00 21.07
N ARG B 163 21.67 -22.87 22.08
CA ARG B 163 20.40 -23.34 22.67
C ARG B 163 19.42 -22.19 23.05
N VAL B 164 18.18 -22.29 22.62
CA VAL B 164 17.13 -21.32 22.93
C VAL B 164 15.94 -22.14 23.40
N SER B 165 15.35 -21.77 24.52
CA SER B 165 14.18 -22.48 25.01
C SER B 165 13.05 -21.48 25.18
N TRP B 166 11.81 -21.92 25.00
CA TRP B 166 10.62 -21.10 25.31
C TRP B 166 9.59 -21.99 25.97
N GLN B 167 8.70 -21.42 26.76
CA GLN B 167 7.60 -22.18 27.31
C GLN B 167 6.35 -21.91 26.49
N GLY B 168 5.56 -22.96 26.25
CA GLY B 168 4.33 -22.84 25.49
C GLY B 168 3.39 -21.71 25.93
N ALA B 169 3.21 -21.54 27.23
CA ALA B 169 2.32 -20.51 27.80
C ALA B 169 2.74 -19.07 27.50
N ASP B 170 4.02 -18.91 27.14
CA ASP B 170 4.64 -17.62 26.86
C ASP B 170 4.51 -17.19 25.39
N LEU B 171 3.81 -18.00 24.61
CA LEU B 171 3.59 -17.77 23.19
C LEU B 171 2.31 -16.97 22.83
N GLY B 172 1.43 -16.71 23.79
CA GLY B 172 0.21 -15.92 23.55
C GLY B 172 -1.11 -16.69 23.60
N GLY B 173 -1.07 -17.97 23.93
CA GLY B 173 -2.26 -18.81 23.89
C GLY B 173 -2.45 -19.31 22.46
N ASP B 174 -3.49 -20.08 22.22
CA ASP B 174 -3.64 -20.71 20.89
C ASP B 174 -3.66 -19.68 19.80
N MET B 175 -2.86 -19.92 18.79
CA MET B 175 -2.52 -18.92 17.75
C MET B 175 -3.45 -19.03 16.56
N VAL B 176 -4.04 -17.91 16.15
CA VAL B 176 -4.88 -17.83 14.96
C VAL B 176 -4.06 -18.16 13.72
N ILE B 177 -4.59 -19.03 12.88
CA ILE B 177 -3.89 -19.45 11.67
C ILE B 177 -4.69 -19.16 10.41
N ALA B 178 -5.96 -18.81 10.59
CA ALA B 178 -6.85 -18.40 9.49
C ALA B 178 -7.89 -17.43 10.01
N ARG B 179 -8.21 -16.42 9.18
CA ARG B 179 -9.18 -15.37 9.56
C ARG B 179 -10.56 -15.94 9.54
N ALA B 180 -11.53 -15.11 9.90
CA ALA B 180 -12.95 -15.49 9.91
C ALA B 180 -13.44 -16.03 8.55
N ALA B 181 -14.32 -17.04 8.63
CA ALA B 181 -14.94 -17.73 7.48
C ALA B 181 -16.01 -18.62 8.07
N PRO B 182 -17.07 -19.00 7.30
CA PRO B 182 -18.10 -19.85 7.94
C PRO B 182 -17.54 -21.24 8.20
N ARG B 183 -18.13 -21.96 9.18
CA ARG B 183 -17.73 -23.32 9.54
C ARG B 183 -17.75 -24.22 8.29
N GLY B 184 -16.70 -25.01 8.11
CA GLY B 184 -16.58 -25.86 6.93
C GLY B 184 -15.76 -25.19 5.83
N GLU B 185 -15.53 -23.90 6.00
CA GLU B 185 -14.69 -23.16 5.09
C GLU B 185 -13.44 -22.68 5.85
N ILE B 186 -12.38 -22.43 5.09
CA ILE B 186 -11.14 -21.97 5.67
C ILE B 186 -10.85 -20.58 5.20
N GLY B 187 -10.66 -19.68 6.17
CA GLY B 187 -10.37 -18.27 5.89
C GLY B 187 -8.94 -17.99 5.45
N TYR B 188 -8.63 -16.71 5.35
CA TYR B 188 -7.32 -16.28 4.87
C TYR B 188 -6.21 -16.71 5.82
N PRO B 189 -5.22 -17.44 5.29
CA PRO B 189 -4.18 -18.01 6.14
C PRO B 189 -3.32 -16.89 6.74
N LEU B 190 -2.88 -17.04 7.99
CA LEU B 190 -1.96 -16.05 8.63
C LEU B 190 -0.49 -16.39 8.36
N TYR B 191 0.39 -15.48 8.75
CA TYR B 191 1.82 -15.51 8.48
C TYR B 191 2.52 -16.82 8.86
N ASN B 192 2.36 -17.23 10.13
CA ASN B 192 3.16 -18.33 10.66
C ASN B 192 2.84 -19.64 10.00
N LEU B 193 1.56 -19.82 9.68
CA LEU B 193 1.13 -20.98 8.95
C LEU B 193 1.73 -20.98 7.52
N VAL B 194 1.43 -19.91 6.81
CA VAL B 194 1.91 -19.72 5.47
C VAL B 194 3.44 -19.99 5.34
N VAL B 195 4.29 -19.43 6.24
CA VAL B 195 5.75 -19.61 6.19
C VAL B 195 6.15 -21.05 6.44
N VAL B 196 5.42 -21.76 7.30
CA VAL B 196 5.78 -23.14 7.66
C VAL B 196 5.46 -24.08 6.52
N VAL B 197 4.25 -23.95 6.00
CA VAL B 197 3.82 -24.75 4.87
C VAL B 197 4.83 -24.64 3.71
N ASP B 198 5.30 -23.42 3.47
CA ASP B 198 6.21 -23.18 2.35
C ASP B 198 7.65 -23.64 2.62
N ASP B 199 8.12 -23.49 3.85
CA ASP B 199 9.46 -23.98 4.20
C ASP B 199 9.52 -25.49 4.12
N ILE B 200 8.44 -26.15 4.54
CA ILE B 200 8.28 -27.60 4.42
C ILE B 200 8.27 -28.07 2.97
N ALA B 201 7.43 -27.43 2.14
CA ALA B 201 7.21 -27.79 0.73
C ALA B 201 8.40 -27.53 -0.18
N MET B 202 9.14 -26.46 0.13
CA MET B 202 10.29 -26.09 -0.64
C MET B 202 11.52 -26.81 -0.14
N GLY B 203 11.34 -27.56 0.96
CA GLY B 203 12.42 -28.41 1.55
C GLY B 203 13.61 -27.66 2.15
N ILE B 204 13.30 -26.57 2.89
CA ILE B 204 14.28 -25.66 3.52
C ILE B 204 14.97 -26.31 4.71
N THR B 205 16.30 -26.17 4.72
CA THR B 205 17.14 -26.81 5.68
C THR B 205 17.66 -25.81 6.68
N ASP B 206 17.78 -24.55 6.28
CA ASP B 206 18.28 -23.51 7.19
C ASP B 206 17.59 -22.20 6.96
N VAL B 207 16.97 -21.71 8.03
CA VAL B 207 16.25 -20.43 8.03
C VAL B 207 17.10 -19.35 8.68
N ILE B 208 17.40 -18.29 7.91
CA ILE B 208 18.15 -17.16 8.42
C ILE B 208 17.17 -16.04 8.57
N ARG B 209 17.01 -15.55 9.79
CA ARG B 209 16.08 -14.45 10.08
C ARG B 209 16.61 -13.55 11.22
N GLY B 210 16.16 -12.28 11.25
CA GLY B 210 16.55 -11.32 12.28
C GLY B 210 16.05 -11.76 13.65
N GLU B 211 16.87 -11.55 14.68
CA GLU B 211 16.57 -11.98 16.05
C GLU B 211 15.31 -11.34 16.68
N ASP B 212 14.72 -10.36 16.02
CA ASP B 212 13.51 -9.68 16.52
C ASP B 212 12.29 -10.56 16.27
N HIS B 213 12.50 -11.59 15.44
CA HIS B 213 11.51 -12.60 15.11
C HIS B 213 11.85 -13.95 15.79
N ILE B 214 12.71 -13.90 16.83
CA ILE B 214 13.10 -15.08 17.64
C ILE B 214 11.87 -15.69 18.28
N GLY B 215 10.90 -14.83 18.60
CA GLY B 215 9.69 -15.23 19.28
C GLY B 215 8.70 -16.04 18.46
N ASN B 216 8.71 -15.83 17.14
CA ASN B 216 7.85 -16.58 16.22
C ASN B 216 8.32 -17.99 16.06
N THR B 217 9.64 -18.15 16.12
CA THR B 217 10.26 -19.45 15.89
C THR B 217 9.62 -20.63 16.63
N PRO B 218 9.38 -20.53 17.98
CA PRO B 218 8.74 -21.65 18.71
C PRO B 218 7.36 -21.98 18.16
N LYS B 219 6.56 -20.94 17.89
CA LYS B 219 5.24 -21.11 17.27
C LYS B 219 5.36 -21.89 15.99
N GLN B 220 6.41 -21.59 15.20
CA GLN B 220 6.62 -22.20 13.87
C GLN B 220 7.06 -23.64 14.02
N ILE B 221 7.90 -23.89 15.06
CA ILE B 221 8.41 -25.24 15.33
C ILE B 221 7.23 -26.12 15.66
N LEU B 222 6.33 -25.59 16.47
CA LEU B 222 5.10 -26.27 16.82
C LEU B 222 4.28 -26.72 15.60
N LEU B 223 4.15 -25.82 14.61
CA LEU B 223 3.52 -26.15 13.32
C LEU B 223 4.31 -27.22 12.56
N TYR B 224 5.63 -27.08 12.44
CA TYR B 224 6.44 -28.13 11.83
C TYR B 224 6.14 -29.54 12.42
N GLU B 225 6.18 -29.67 13.75
CA GLU B 225 5.84 -30.93 14.45
C GLU B 225 4.41 -31.42 14.13
N ALA B 226 3.42 -30.52 14.30
CA ALA B 226 2.00 -30.78 13.98
C ALA B 226 1.78 -31.29 12.56
N LEU B 227 2.61 -30.84 11.62
CA LEU B 227 2.49 -31.24 10.20
C LEU B 227 3.41 -32.39 9.88
N GLY B 228 3.91 -33.06 10.91
CA GLY B 228 4.80 -34.22 10.73
C GLY B 228 6.13 -33.90 10.06
N ALA B 229 6.59 -32.66 10.19
CA ALA B 229 7.85 -32.26 9.54
C ALA B 229 8.96 -31.88 10.52
N THR B 230 10.19 -32.32 10.23
CA THR B 230 11.37 -31.91 10.97
C THR B 230 11.64 -30.45 10.65
N PRO B 231 11.71 -29.55 11.67
CA PRO B 231 11.99 -28.14 11.38
C PRO B 231 13.44 -27.94 10.91
N PRO B 232 13.72 -26.86 10.14
CA PRO B 232 15.11 -26.60 9.69
C PRO B 232 15.93 -26.12 10.87
N ASN B 233 17.22 -25.95 10.63
CA ASN B 233 18.06 -25.23 11.56
C ASN B 233 17.69 -23.78 11.42
N PHE B 234 17.73 -23.05 12.53
CA PHE B 234 17.44 -21.64 12.56
C PHE B 234 18.69 -20.88 12.89
N ALA B 235 18.83 -19.71 12.27
CA ALA B 235 19.91 -18.79 12.59
C ALA B 235 19.28 -17.42 12.75
N HIS B 236 19.35 -16.88 13.95
CA HIS B 236 18.82 -15.56 14.28
C HIS B 236 19.95 -14.61 14.42
N THR B 237 20.06 -13.74 13.41
CA THR B 237 21.13 -12.77 13.30
C THR B 237 20.80 -11.54 14.14
N PRO B 238 21.85 -10.88 14.69
CA PRO B 238 21.55 -9.65 15.42
C PRO B 238 21.23 -8.54 14.41
N LEU B 239 20.43 -7.56 14.84
CA LEU B 239 19.98 -6.49 13.95
C LEU B 239 21.10 -5.50 13.54
N ILE B 240 20.83 -4.75 12.47
CA ILE B 240 21.64 -3.59 12.09
C ILE B 240 21.00 -2.44 12.86
N LEU B 241 21.86 -1.62 13.47
CA LEU B 241 21.43 -0.49 14.29
C LEU B 241 21.81 0.87 13.71
N ASN B 242 21.16 1.93 14.22
CA ASN B 242 21.57 3.33 13.97
C ASN B 242 22.44 3.81 15.13
N SER B 243 23.00 5.04 15.03
CA SER B 243 23.85 5.64 16.09
C SER B 243 23.16 5.68 17.45
N THR B 244 21.84 5.89 17.42
CA THR B 244 20.94 5.88 18.59
C THR B 244 20.73 4.48 19.20
N GLY B 245 21.35 3.45 18.60
CA GLY B 245 21.28 2.06 19.08
C GLY B 245 19.97 1.32 18.79
N GLN B 246 19.04 2.04 18.14
CA GLN B 246 17.71 1.52 17.77
C GLN B 246 17.79 0.81 16.44
N LYS B 247 16.86 -0.12 16.20
CA LYS B 247 16.81 -0.88 14.94
C LYS B 247 16.72 0.07 13.72
N LEU B 248 17.58 -0.19 12.73
CA LEU B 248 17.63 0.60 11.50
C LEU B 248 16.31 0.44 10.77
N SER B 249 15.55 1.53 10.78
CA SER B 249 14.26 1.63 10.10
C SER B 249 14.34 2.75 9.07
N LYS B 250 13.41 2.79 8.12
CA LYS B 250 13.41 3.86 7.09
C LYS B 250 13.21 5.29 7.62
N ARG B 251 13.25 5.43 8.95
CA ARG B 251 13.23 6.71 9.67
C ARG B 251 14.66 7.27 9.88
N ASP B 252 15.67 6.50 9.44
CA ASP B 252 17.09 6.86 9.60
C ASP B 252 17.76 7.37 8.31
N GLY B 253 16.92 7.77 7.34
CA GLY B 253 17.38 8.17 6.03
C GLY B 253 17.36 7.02 5.04
N VAL B 254 18.46 6.87 4.33
CA VAL B 254 18.61 5.91 3.28
C VAL B 254 18.81 4.49 3.81
N THR B 255 17.91 3.60 3.39
CA THR B 255 17.97 2.17 3.67
C THR B 255 17.68 1.29 2.42
N SER B 256 17.03 1.87 1.40
CA SER B 256 16.72 1.19 0.11
C SER B 256 17.99 0.89 -0.68
N ILE B 257 18.12 -0.34 -1.18
CA ILE B 257 19.24 -0.72 -2.07
C ILE B 257 19.27 0.16 -3.32
N SER B 258 18.12 0.41 -3.90
CA SER B 258 18.01 1.27 -5.08
C SER B 258 18.42 2.72 -4.75
N ASP B 259 18.18 3.17 -3.51
CA ASP B 259 18.69 4.48 -3.07
C ASP B 259 20.23 4.58 -2.97
N PHE B 260 20.88 3.55 -2.41
CA PHE B 260 22.32 3.47 -2.37
C PHE B 260 22.91 3.53 -3.78
N ARG B 261 22.31 2.76 -4.68
CA ARG B 261 22.62 2.70 -6.08
C ARG B 261 22.48 4.08 -6.68
N ALA B 262 21.30 4.70 -6.46
CA ALA B 262 21.02 6.09 -6.91
C ALA B 262 22.09 7.10 -6.46
N MET B 263 22.58 6.95 -5.23
CA MET B 263 23.58 7.81 -4.64
C MET B 263 24.97 7.55 -5.25
N GLY B 264 25.11 6.54 -6.08
CA GLY B 264 26.43 6.23 -6.63
C GLY B 264 27.28 5.30 -5.76
N TYR B 265 26.65 4.42 -5.00
CA TYR B 265 27.41 3.31 -4.39
C TYR B 265 27.52 2.07 -5.34
N LEU B 266 28.72 1.54 -5.47
CA LEU B 266 28.96 0.35 -6.31
C LEU B 266 28.41 -0.94 -5.65
N ALA B 267 27.69 -1.76 -6.43
CA ALA B 267 27.08 -3.01 -5.93
C ALA B 267 28.05 -3.93 -5.15
N PRO B 268 29.28 -4.22 -5.68
CA PRO B 268 30.17 -5.04 -4.87
C PRO B 268 30.60 -4.39 -3.57
N ALA B 269 30.62 -3.04 -3.54
CA ALA B 269 30.95 -2.30 -2.30
C ALA B 269 29.87 -2.48 -1.22
N LEU B 270 28.61 -2.35 -1.63
CA LEU B 270 27.49 -2.48 -0.73
C LEU B 270 27.38 -3.93 -0.30
N ALA B 271 27.61 -4.85 -1.26
CA ALA B 271 27.60 -6.29 -0.97
C ALA B 271 28.60 -6.56 0.16
N ASN B 272 29.84 -6.07 -0.05
CA ASN B 272 30.97 -6.19 0.88
C ASN B 272 30.65 -5.64 2.27
N TYR B 273 30.10 -4.43 2.29
CA TYR B 273 29.74 -3.75 3.54
C TYR B 273 28.64 -4.45 4.33
N MET B 274 27.55 -4.82 3.64
CA MET B 274 26.42 -5.47 4.30
C MET B 274 26.87 -6.76 4.96
N THR B 275 27.86 -7.42 4.35
CA THR B 275 28.44 -8.63 4.93
C THR B 275 29.21 -8.28 6.20
N LEU B 276 29.98 -7.19 6.16
CA LEU B 276 30.76 -6.72 7.32
C LEU B 276 29.90 -6.29 8.51
N LEU B 277 28.63 -5.97 8.23
CA LEU B 277 27.61 -5.75 9.24
C LEU B 277 27.20 -7.08 9.80
N GLY B 278 27.96 -7.54 10.78
CA GLY B 278 27.67 -8.84 11.38
C GLY B 278 28.58 -10.00 11.05
N TRP B 279 29.48 -9.85 10.08
CA TRP B 279 30.43 -10.92 9.77
C TRP B 279 31.87 -10.43 9.90
N SER B 280 32.63 -11.23 10.64
CA SER B 280 34.01 -11.00 10.93
C SER B 280 34.78 -12.00 10.06
N PRO B 281 35.49 -11.52 9.02
CA PRO B 281 36.32 -12.39 8.17
C PRO B 281 37.49 -13.06 8.94
N PRO B 282 37.83 -14.33 8.61
CA PRO B 282 38.97 -15.03 9.25
C PRO B 282 40.35 -14.39 8.95
N GLU B 283 41.41 -14.93 9.58
CA GLU B 283 42.82 -14.48 9.36
C GLU B 283 43.15 -14.30 7.88
N GLY B 284 43.71 -13.14 7.56
CA GLY B 284 44.17 -12.82 6.20
C GLY B 284 43.13 -12.77 5.09
N VAL B 285 41.86 -12.61 5.45
CA VAL B 285 40.78 -12.40 4.48
C VAL B 285 40.59 -10.88 4.31
N GLY B 286 40.54 -10.15 5.43
CA GLY B 286 40.45 -8.67 5.43
C GLY B 286 39.05 -8.15 5.18
N GLU B 287 38.90 -6.83 5.31
CA GLU B 287 37.61 -6.16 5.11
C GLU B 287 37.21 -6.03 3.63
N LEU B 288 38.11 -6.41 2.74
CA LEU B 288 37.93 -6.30 1.29
C LEU B 288 37.83 -7.67 0.65
N PHE B 289 36.63 -7.99 0.18
CA PHE B 289 36.33 -9.31 -0.43
C PHE B 289 35.18 -9.26 -1.42
N THR B 290 35.13 -10.26 -2.30
CA THR B 290 34.00 -10.47 -3.20
C THR B 290 33.07 -11.44 -2.49
N LEU B 291 31.77 -11.38 -2.81
CA LEU B 291 30.80 -12.39 -2.31
C LEU B 291 31.24 -13.83 -2.63
N ASP B 292 31.86 -14.03 -3.78
CA ASP B 292 32.41 -15.31 -4.17
C ASP B 292 33.49 -15.77 -3.19
N LEU B 293 34.31 -14.83 -2.69
CA LEU B 293 35.42 -15.15 -1.77
C LEU B 293 34.97 -15.45 -0.35
N ALA B 294 34.11 -14.56 0.17
CA ALA B 294 33.47 -14.72 1.47
C ALA B 294 32.75 -16.06 1.56
N ALA B 295 32.22 -16.53 0.43
CA ALA B 295 31.52 -17.83 0.35
C ALA B 295 32.42 -19.05 0.49
N LYS B 296 33.73 -18.85 0.49
CA LYS B 296 34.62 -19.95 0.79
C LYS B 296 34.80 -20.06 2.30
N HIS B 297 34.66 -18.92 2.99
CA HIS B 297 35.00 -18.79 4.41
C HIS B 297 33.87 -18.49 5.41
N PHE B 298 32.66 -18.33 4.90
CA PHE B 298 31.51 -17.94 5.73
C PHE B 298 30.99 -19.06 6.63
N SER B 299 30.67 -18.67 7.87
CA SER B 299 30.02 -19.52 8.88
C SER B 299 29.29 -18.69 9.93
N PHE B 300 28.25 -19.27 10.53
CA PHE B 300 27.48 -18.61 11.60
C PHE B 300 28.24 -18.47 12.95
N GLU B 301 29.31 -19.26 13.10
CA GLU B 301 30.25 -19.19 14.24
C GLU B 301 30.89 -17.81 14.33
N ARG B 302 31.24 -17.23 13.18
CA ARG B 302 31.90 -15.93 13.11
C ARG B 302 30.92 -14.74 12.92
N ILE B 303 29.61 -15.02 12.90
CA ILE B 303 28.61 -13.94 12.90
C ILE B 303 28.65 -13.29 14.26
N ASN B 304 28.81 -11.96 14.25
CA ASN B 304 28.86 -11.14 15.44
C ASN B 304 27.67 -11.39 16.35
N LYS B 305 27.87 -11.25 17.65
CA LYS B 305 26.82 -11.55 18.64
C LYS B 305 25.91 -10.36 18.89
N ALA B 306 26.47 -9.16 18.82
CA ALA B 306 25.70 -7.95 19.08
C ALA B 306 25.28 -7.20 17.82
N GLY B 307 24.45 -6.17 18.01
CA GLY B 307 23.99 -5.29 16.93
C GLY B 307 25.16 -4.66 16.21
N ALA B 308 25.09 -4.68 14.87
CA ALA B 308 26.06 -4.03 14.04
C ALA B 308 25.55 -2.62 13.71
N ARG B 309 26.28 -1.62 14.20
CA ARG B 309 25.93 -0.21 14.03
C ARG B 309 26.29 0.19 12.59
N PHE B 310 25.31 0.76 11.85
CA PHE B 310 25.54 1.25 10.47
C PHE B 310 26.43 2.49 10.47
N ASP B 311 27.48 2.45 9.65
CA ASP B 311 28.49 3.51 9.61
C ASP B 311 28.79 3.90 8.18
N TRP B 312 28.41 5.13 7.83
CA TRP B 312 28.64 5.66 6.46
C TRP B 312 30.13 5.77 6.12
N ASP B 313 30.98 5.98 7.12
CA ASP B 313 32.42 6.11 6.89
C ASP B 313 33.02 4.83 6.33
N LYS B 314 32.58 3.69 6.86
CA LYS B 314 33.07 2.37 6.40
C LYS B 314 32.50 2.07 5.03
N LEU B 315 31.22 2.40 4.82
CA LEU B 315 30.59 2.21 3.49
C LEU B 315 31.34 3.01 2.46
N ASN B 316 31.62 4.29 2.82
CA ASN B 316 32.41 5.19 1.97
C ASN B 316 33.84 4.69 1.77
N TRP B 317 34.49 4.28 2.84
CA TRP B 317 35.85 3.68 2.73
C TRP B 317 35.90 2.52 1.68
N LEU B 318 34.95 1.58 1.79
CA LEU B 318 34.84 0.46 0.83
C LEU B 318 34.43 0.91 -0.56
N ASN B 319 33.48 1.86 -0.63
CA ASN B 319 33.04 2.33 -1.94
C ASN B 319 34.16 3.05 -2.67
N ARG B 320 34.96 3.80 -1.91
CA ARG B 320 36.15 4.48 -2.39
C ARG B 320 37.14 3.45 -2.99
N GLN B 321 37.34 2.30 -2.31
CA GLN B 321 38.21 1.23 -2.87
C GLN B 321 37.68 0.59 -4.18
N TYR B 322 36.36 0.33 -4.26
CA TYR B 322 35.75 -0.26 -5.47
C TYR B 322 35.72 0.70 -6.66
N ILE B 323 35.46 1.97 -6.38
CA ILE B 323 35.54 3.04 -7.37
C ILE B 323 36.96 3.04 -7.95
N GLN B 324 37.98 3.07 -7.07
CA GLN B 324 39.42 3.06 -7.50
C GLN B 324 39.82 1.81 -8.25
N GLN B 325 38.96 0.79 -8.19
CA GLN B 325 39.21 -0.52 -8.80
C GLN B 325 38.63 -0.63 -10.22
N LEU B 326 37.85 0.38 -10.62
CA LEU B 326 37.27 0.44 -11.97
C LEU B 326 38.31 0.84 -12.99
N GLU B 327 38.15 0.31 -14.20
CA GLU B 327 39.00 0.68 -15.31
C GLU B 327 38.78 2.15 -15.66
N PRO B 328 39.86 2.89 -16.02
CA PRO B 328 39.71 4.31 -16.32
C PRO B 328 38.52 4.63 -17.25
N GLU B 329 38.45 3.98 -18.42
CA GLU B 329 37.34 4.18 -19.38
C GLU B 329 35.97 3.93 -18.76
N GLU B 330 35.86 2.84 -18.00
CA GLU B 330 34.64 2.47 -17.31
C GLU B 330 34.24 3.48 -16.24
N PHE B 331 35.22 4.04 -15.52
CA PHE B 331 34.95 5.05 -14.51
C PHE B 331 34.47 6.32 -15.18
N LEU B 332 35.11 6.71 -16.27
CA LEU B 332 34.63 7.87 -17.06
C LEU B 332 33.18 7.68 -17.56
N ALA B 333 32.88 6.46 -18.04
CA ALA B 333 31.56 6.12 -18.53
C ALA B 333 30.49 6.28 -17.44
N GLU B 334 30.81 5.99 -16.19
CA GLU B 334 29.85 6.22 -15.09
C GLU B 334 29.56 7.69 -14.85
N LEU B 335 30.53 8.54 -15.17
CA LEU B 335 30.51 9.95 -14.80
C LEU B 335 29.76 10.84 -15.77
N ILE B 336 29.90 10.55 -17.07
CA ILE B 336 29.32 11.34 -18.16
C ILE B 336 27.78 11.57 -18.00
N PRO B 337 26.98 10.52 -17.65
CA PRO B 337 25.52 10.84 -17.52
C PRO B 337 25.24 11.76 -16.36
N LEU B 338 26.12 11.69 -15.36
CA LEU B 338 26.00 12.51 -14.15
C LEU B 338 26.18 13.96 -14.48
N TRP B 339 27.32 14.26 -15.13
CA TRP B 339 27.63 15.58 -15.62
C TRP B 339 26.61 16.12 -16.63
N GLN B 340 26.18 15.25 -17.55
CA GLN B 340 25.13 15.56 -18.52
C GLN B 340 23.81 15.90 -17.84
N GLY B 341 23.49 15.17 -16.77
CA GLY B 341 22.28 15.45 -15.97
C GLY B 341 22.36 16.72 -15.14
N ALA B 342 23.60 17.15 -14.83
CA ALA B 342 23.87 18.41 -14.12
C ALA B 342 23.75 19.70 -14.99
N GLY B 343 23.57 19.54 -16.30
CA GLY B 343 23.53 20.67 -17.23
C GLY B 343 24.90 21.07 -17.78
N TYR B 344 25.93 20.29 -17.45
CA TYR B 344 27.30 20.55 -17.90
C TYR B 344 27.43 20.30 -19.38
N ALA B 345 27.81 21.35 -20.08
CA ALA B 345 27.97 21.37 -21.53
C ALA B 345 29.32 20.80 -21.90
N PHE B 346 29.34 19.86 -22.84
CA PHE B 346 30.57 19.24 -23.34
C PHE B 346 30.18 18.21 -24.38
N ASP B 347 31.16 17.79 -25.19
CA ASP B 347 30.95 16.71 -26.14
C ASP B 347 31.75 15.51 -25.72
N GLU B 348 31.07 14.38 -25.59
CA GLU B 348 31.69 13.14 -25.11
C GLU B 348 32.87 12.73 -25.98
N GLU B 349 32.77 13.01 -27.30
CA GLU B 349 33.78 12.62 -28.28
C GLU B 349 34.92 13.66 -28.43
N ARG B 350 34.56 14.92 -28.61
CA ARG B 350 35.54 16.01 -28.81
C ARG B 350 36.32 16.36 -27.55
N ASP B 351 35.62 16.44 -26.42
CA ASP B 351 36.19 16.88 -25.15
C ASP B 351 36.79 15.74 -24.33
N ARG B 352 36.80 14.54 -24.91
CA ARG B 352 37.28 13.33 -24.25
C ARG B 352 38.72 13.37 -23.63
N PRO B 353 39.76 13.89 -24.37
CA PRO B 353 41.07 13.88 -23.69
C PRO B 353 41.05 14.50 -22.30
N TRP B 354 40.47 15.70 -22.15
CA TRP B 354 40.48 16.34 -20.84
C TRP B 354 39.43 15.77 -19.87
N LEU B 355 38.33 15.24 -20.39
CA LEU B 355 37.32 14.57 -19.56
C LEU B 355 37.96 13.36 -18.87
N PHE B 356 38.74 12.59 -19.64
CA PHE B 356 39.50 11.45 -19.15
C PHE B 356 40.50 11.87 -18.07
N ASP B 357 41.23 12.94 -18.32
CA ASP B 357 42.19 13.48 -17.37
C ASP B 357 41.46 13.93 -16.13
N LEU B 358 40.27 14.51 -16.31
CA LEU B 358 39.41 14.88 -15.17
C LEU B 358 38.89 13.66 -14.36
N ALA B 359 38.55 12.57 -15.04
CA ALA B 359 38.11 11.36 -14.36
C ALA B 359 39.26 10.81 -13.50
N GLN B 360 40.47 10.78 -14.07
CA GLN B 360 41.66 10.28 -13.39
C GLN B 360 42.01 11.10 -12.14
N LEU B 361 41.78 12.40 -12.23
CA LEU B 361 41.99 13.34 -11.12
C LEU B 361 40.96 13.09 -10.00
N LEU B 362 39.72 12.84 -10.38
CA LEU B 362 38.66 12.70 -9.42
C LEU B 362 38.63 11.33 -8.72
N GLN B 363 38.99 10.28 -9.48
CA GLN B 363 38.91 8.87 -9.02
C GLN B 363 39.36 8.64 -7.59
N PRO B 364 40.64 8.98 -7.23
CA PRO B 364 41.12 8.60 -5.88
C PRO B 364 40.35 9.15 -4.66
N GLY B 365 39.61 10.24 -4.82
CA GLY B 365 38.95 10.89 -3.68
C GLY B 365 37.43 10.93 -3.67
N LEU B 366 36.79 10.03 -4.41
CA LEU B 366 35.31 9.99 -4.46
C LEU B 366 34.72 8.96 -3.51
N ASN B 367 33.88 9.41 -2.57
CA ASN B 367 33.15 8.49 -1.70
C ASN B 367 32.05 7.80 -2.51
N THR B 368 31.44 8.56 -3.41
CA THR B 368 30.38 8.07 -4.30
C THR B 368 30.67 8.63 -5.68
N LEU B 369 30.11 8.03 -6.72
CA LEU B 369 30.20 8.58 -8.08
C LEU B 369 29.54 9.97 -8.23
N ARG B 370 28.45 10.21 -7.49
CA ARG B 370 27.70 11.48 -7.56
C ARG B 370 28.52 12.70 -7.18
N GLU B 371 29.51 12.46 -6.32
CA GLU B 371 30.45 13.49 -5.88
C GLU B 371 31.25 14.11 -7.01
N ALA B 372 31.37 13.41 -8.14
CA ALA B 372 31.99 13.99 -9.36
C ALA B 372 31.21 15.20 -9.94
N ILE B 373 29.94 15.36 -9.57
CA ILE B 373 29.11 16.49 -10.03
C ILE B 373 29.66 17.77 -9.42
N ASP B 374 29.67 17.86 -8.08
CA ASP B 374 30.12 19.05 -7.34
C ASP B 374 31.61 19.29 -7.51
N GLN B 375 32.38 18.21 -7.60
CA GLN B 375 33.85 18.29 -7.73
C GLN B 375 34.28 18.65 -9.16
N GLY B 376 33.38 18.40 -10.14
CA GLY B 376 33.64 18.68 -11.53
C GLY B 376 33.17 20.05 -11.93
N ALA B 377 32.25 20.61 -11.14
CA ALA B 377 31.69 21.96 -11.35
C ALA B 377 32.67 23.03 -11.80
N VAL B 378 33.80 23.17 -11.11
CA VAL B 378 34.84 24.16 -11.49
C VAL B 378 35.31 23.99 -12.95
N PHE B 379 35.30 22.74 -13.44
CA PHE B 379 35.77 22.39 -14.77
C PHE B 379 34.70 22.39 -15.82
N PHE B 380 33.43 22.62 -15.43
CA PHE B 380 32.32 22.65 -16.42
C PHE B 380 31.58 23.99 -16.51
N ILE B 381 31.59 24.75 -15.42
CA ILE B 381 30.92 26.07 -15.35
C ILE B 381 31.97 27.08 -15.76
N PRO B 382 31.73 27.85 -16.85
CA PRO B 382 32.81 28.66 -17.46
C PRO B 382 33.52 29.69 -16.56
N SER B 383 32.75 30.39 -15.74
CA SER B 383 33.27 31.49 -14.94
C SER B 383 33.27 31.14 -13.45
N VAL B 384 34.27 31.61 -12.74
CA VAL B 384 34.41 31.27 -11.34
C VAL B 384 33.79 32.33 -10.45
N THR B 385 33.39 31.89 -9.27
CA THR B 385 32.92 32.75 -8.23
C THR B 385 34.05 32.80 -7.21
N PHE B 386 34.55 34.00 -6.93
CA PHE B 386 35.62 34.13 -5.96
C PHE B 386 35.06 34.18 -4.55
N ASP B 387 35.37 33.15 -3.75
CA ASP B 387 34.97 33.12 -2.34
C ASP B 387 35.78 34.18 -1.57
N SER B 388 35.36 34.49 -0.33
CA SER B 388 36.01 35.58 0.47
C SER B 388 37.55 35.51 0.45
N GLU B 389 38.07 34.29 0.53
CA GLU B 389 39.51 33.99 0.57
C GLU B 389 40.19 34.29 -0.78
N ALA B 390 39.58 33.85 -1.88
CA ALA B 390 40.06 34.15 -3.25
C ALA B 390 40.10 35.64 -3.48
N MET B 391 39.02 36.31 -3.07
CA MET B 391 38.89 37.79 -3.08
C MET B 391 40.03 38.47 -2.30
N ALA B 392 40.36 37.91 -1.13
CA ALA B 392 41.46 38.40 -0.30
C ALA B 392 42.79 38.25 -1.03
N GLN B 393 42.97 37.09 -1.69
CA GLN B 393 44.22 36.76 -2.38
C GLN B 393 44.47 37.67 -3.56
N LEU B 394 43.39 37.94 -4.32
CA LEU B 394 43.48 38.83 -5.47
C LEU B 394 43.62 40.28 -5.02
N GLY B 395 43.34 40.52 -3.75
CA GLY B 395 43.48 41.81 -3.10
C GLY B 395 44.90 42.17 -2.73
N GLN B 396 45.78 41.15 -2.64
CA GLN B 396 47.21 41.37 -2.40
C GLN B 396 47.77 42.39 -3.40
N PRO B 397 48.66 43.29 -2.94
CA PRO B 397 49.18 44.31 -3.87
C PRO B 397 49.88 43.73 -5.11
N GLN B 398 50.48 42.56 -4.98
CA GLN B 398 51.31 42.05 -6.07
C GLN B 398 50.57 41.06 -7.03
N SER B 399 49.30 40.79 -6.72
CA SER B 399 48.41 39.89 -7.47
C SER B 399 48.23 40.26 -8.95
N ALA B 400 47.95 41.54 -9.24
CA ALA B 400 47.83 42.00 -10.65
C ALA B 400 49.08 41.68 -11.47
N THR B 401 50.27 41.91 -10.91
CA THR B 401 51.52 41.60 -11.60
C THR B 401 51.64 40.11 -11.89
N ILE B 402 51.35 39.28 -10.89
CA ILE B 402 51.32 37.82 -11.03
C ILE B 402 50.34 37.41 -12.13
N LEU B 403 49.06 37.72 -11.92
CA LEU B 403 48.04 37.37 -12.92
C LEU B 403 48.37 37.86 -14.34
N ALA B 404 48.87 39.10 -14.49
CA ALA B 404 49.23 39.63 -15.83
C ALA B 404 50.39 38.89 -16.42
N TYR B 405 51.37 38.51 -15.59
CA TYR B 405 52.53 37.76 -16.09
C TYR B 405 52.07 36.44 -16.69
N LEU B 406 51.19 35.75 -15.96
CA LEU B 406 50.66 34.47 -16.39
C LEU B 406 49.81 34.59 -17.64
N LEU B 407 49.04 35.68 -17.71
CA LEU B 407 48.18 35.93 -18.87
C LEU B 407 49.04 36.27 -20.11
N GLU B 408 50.03 37.13 -19.92
CA GLU B 408 50.94 37.50 -20.99
C GLU B 408 51.77 36.29 -21.47
N HIS B 409 52.10 35.37 -20.58
CA HIS B 409 52.99 34.23 -20.91
C HIS B 409 52.37 32.84 -21.17
N LEU B 410 51.04 32.76 -21.22
CA LEU B 410 50.39 31.49 -21.48
C LEU B 410 50.78 30.91 -22.83
N PRO B 411 51.30 29.66 -22.83
CA PRO B 411 51.62 29.00 -24.10
C PRO B 411 50.33 28.69 -24.85
N ALA B 412 50.28 29.01 -26.14
CA ALA B 412 49.09 28.67 -26.94
C ALA B 412 49.04 27.18 -27.33
N GLU B 413 50.16 26.45 -27.12
CA GLU B 413 50.23 24.97 -27.27
C GLU B 413 49.16 24.32 -26.36
N PRO B 414 48.19 23.56 -26.96
CA PRO B 414 47.07 22.96 -26.20
C PRO B 414 47.46 22.06 -25.01
N ALA B 415 48.65 21.45 -25.08
CA ALA B 415 49.16 20.66 -23.96
C ALA B 415 50.09 21.48 -23.07
N LEU B 416 49.64 21.70 -21.84
CA LEU B 416 50.41 22.36 -20.80
C LEU B 416 51.13 21.28 -19.98
N THR B 417 52.43 21.10 -20.22
CA THR B 417 53.21 20.06 -19.48
C THR B 417 53.41 20.47 -18.04
N VAL B 418 53.80 19.54 -17.18
CA VAL B 418 54.10 19.87 -15.76
C VAL B 418 55.22 20.92 -15.73
N ALA B 419 56.25 20.72 -16.57
CA ALA B 419 57.40 21.61 -16.68
C ALA B 419 56.96 23.03 -17.05
N MET B 420 56.16 23.16 -18.12
CA MET B 420 55.66 24.47 -18.60
C MET B 420 54.95 25.25 -17.48
N GLY B 421 54.00 24.58 -16.81
CA GLY B 421 53.24 25.15 -15.69
C GLY B 421 54.09 25.51 -14.49
N GLN B 422 55.04 24.62 -14.17
CA GLN B 422 56.02 24.78 -13.12
C GLN B 422 56.87 26.04 -13.38
N GLN B 423 57.33 26.18 -14.62
CA GLN B 423 58.15 27.30 -15.02
C GLN B 423 57.34 28.61 -15.06
N LEU B 424 56.05 28.54 -15.43
CA LEU B 424 55.23 29.76 -15.40
C LEU B 424 55.10 30.38 -14.00
N ILE B 425 54.77 29.56 -12.99
CA ILE B 425 54.67 30.06 -11.61
C ILE B 425 56.02 30.58 -11.09
N GLN B 426 57.10 29.84 -11.34
CA GLN B 426 58.44 30.19 -10.89
C GLN B 426 58.85 31.58 -11.46
N GLN B 427 58.64 31.76 -12.76
CA GLN B 427 58.89 33.03 -13.44
C GLN B 427 57.98 34.20 -13.02
N ALA B 428 56.68 33.93 -12.87
CA ALA B 428 55.69 34.87 -12.28
C ALA B 428 56.11 35.33 -10.91
N ALA B 429 56.44 34.38 -10.03
CA ALA B 429 56.95 34.68 -8.68
C ALA B 429 58.20 35.57 -8.72
N LYS B 430 59.17 35.19 -9.56
CA LYS B 430 60.40 36.01 -9.70
C LYS B 430 60.05 37.41 -10.21
N ALA B 431 59.04 37.50 -11.06
CA ALA B 431 58.66 38.75 -11.69
C ALA B 431 57.91 39.68 -10.76
N ALA B 432 57.03 39.09 -9.94
CA ALA B 432 56.25 39.83 -8.96
C ALA B 432 57.01 40.12 -7.66
N GLY B 433 57.98 39.28 -7.30
CA GLY B 433 58.78 39.47 -6.07
C GLY B 433 58.11 38.80 -4.91
N VAL B 434 57.45 37.70 -5.23
CA VAL B 434 56.75 36.93 -4.26
C VAL B 434 57.21 35.43 -4.31
N LYS B 435 56.82 34.64 -3.31
CA LYS B 435 57.15 33.22 -3.25
C LYS B 435 56.23 32.41 -4.16
N LYS B 436 56.71 31.24 -4.62
CA LYS B 436 55.89 30.38 -5.49
C LYS B 436 54.57 29.95 -4.83
N GLY B 437 54.57 29.79 -3.50
CA GLY B 437 53.37 29.47 -2.71
C GLY B 437 52.28 30.49 -2.88
N ALA B 438 52.62 31.78 -2.84
CA ALA B 438 51.63 32.86 -3.01
C ALA B 438 51.31 33.04 -4.49
N THR B 439 52.25 32.64 -5.35
CA THR B 439 52.00 32.66 -6.76
C THR B 439 50.93 31.63 -7.09
N MET B 440 51.02 30.44 -6.50
CA MET B 440 50.07 29.34 -6.73
C MET B 440 48.70 29.59 -6.12
N ARG B 441 48.67 30.26 -4.96
CA ARG B 441 47.41 30.68 -4.32
CA ARG B 441 47.42 30.68 -4.30
C ARG B 441 46.66 31.63 -5.24
N THR B 442 47.40 32.55 -5.86
CA THR B 442 46.88 33.55 -6.80
C THR B 442 46.33 32.87 -8.05
N LEU B 443 47.11 31.96 -8.63
CA LEU B 443 46.69 31.13 -9.77
C LEU B 443 45.45 30.24 -9.41
N ARG B 444 45.47 29.61 -8.23
CA ARG B 444 44.33 28.81 -7.79
C ARG B 444 43.07 29.67 -7.61
N ALA B 445 43.23 30.83 -6.99
CA ALA B 445 42.13 31.77 -6.82
C ALA B 445 41.59 32.14 -8.16
N ALA B 446 42.48 32.32 -9.14
CA ALA B 446 42.12 32.66 -10.52
C ALA B 446 41.31 31.57 -11.24
N LEU B 447 41.86 30.35 -11.22
CA LEU B 447 41.32 29.20 -11.96
C LEU B 447 40.11 28.53 -11.30
N THR B 448 39.97 28.67 -9.98
CA THR B 448 38.91 27.96 -9.24
C THR B 448 37.98 28.83 -8.39
N GLY B 449 38.45 30.02 -8.06
CA GLY B 449 37.70 30.92 -7.20
C GLY B 449 37.89 30.54 -5.76
N ALA B 450 38.90 29.69 -5.49
CA ALA B 450 39.23 29.23 -4.13
C ALA B 450 40.75 29.19 -3.86
N VAL B 451 41.14 29.16 -2.59
CA VAL B 451 42.57 29.12 -2.24
C VAL B 451 43.09 27.69 -1.87
N HIS B 452 42.16 26.73 -1.76
CA HIS B 452 42.48 25.31 -1.57
C HIS B 452 41.62 24.43 -2.49
N GLY B 453 42.03 23.18 -2.68
CA GLY B 453 41.25 22.24 -3.54
C GLY B 453 42.09 21.17 -4.25
N PRO B 454 41.60 20.65 -5.42
CA PRO B 454 42.27 19.61 -6.20
C PRO B 454 43.68 20.05 -6.62
N ASP B 455 44.53 19.07 -7.00
CA ASP B 455 45.91 19.32 -7.43
C ASP B 455 45.91 20.38 -8.53
N LEU B 456 46.72 21.40 -8.34
CA LEU B 456 46.67 22.58 -9.14
C LEU B 456 47.23 22.43 -10.58
N MET B 457 48.32 21.68 -10.73
CA MET B 457 48.87 21.46 -12.04
C MET B 457 47.87 20.68 -12.89
N ALA B 458 47.33 19.63 -12.28
CA ALA B 458 46.34 18.79 -12.93
C ALA B 458 45.09 19.60 -13.29
N ALA B 459 44.62 20.46 -12.36
CA ALA B 459 43.45 21.33 -12.63
C ALA B 459 43.70 22.28 -13.79
N TRP B 460 44.92 22.78 -13.87
CA TRP B 460 45.34 23.75 -14.86
C TRP B 460 45.46 23.10 -16.21
N GLN B 461 46.02 21.91 -16.25
CA GLN B 461 46.12 21.11 -17.47
C GLN B 461 44.75 20.92 -18.15
N ILE B 462 43.73 20.54 -17.35
CA ILE B 462 42.35 20.39 -17.83
C ILE B 462 41.86 21.72 -18.41
N LEU B 463 41.92 22.78 -17.59
CA LEU B 463 41.42 24.08 -17.98
C LEU B 463 42.16 24.64 -19.22
N HIS B 464 43.47 24.42 -19.29
CA HIS B 464 44.27 24.82 -20.45
C HIS B 464 43.78 24.12 -21.72
N GLN B 465 43.54 22.81 -21.66
CA GLN B 465 43.00 22.07 -22.80
C GLN B 465 41.68 22.65 -23.29
N ARG B 466 40.81 23.07 -22.37
CA ARG B 466 39.52 23.69 -22.75
C ARG B 466 39.69 25.11 -23.21
N GLY B 467 40.88 25.66 -23.00
CA GLY B 467 41.18 27.06 -23.30
C GLY B 467 40.56 27.98 -22.26
N TRP B 468 40.33 27.47 -21.05
CA TRP B 468 39.65 28.23 -19.99
C TRP B 468 40.58 28.96 -19.04
N ASP B 469 41.84 28.53 -18.94
CA ASP B 469 42.79 29.22 -18.09
C ASP B 469 43.02 30.70 -18.51
N GLU B 470 43.01 30.96 -19.83
CA GLU B 470 43.14 32.31 -20.39
C GLU B 470 42.01 33.29 -19.96
N PRO B 471 40.70 33.00 -20.27
CA PRO B 471 39.70 33.97 -19.79
C PRO B 471 39.56 34.00 -18.27
N ARG B 472 40.06 32.97 -17.59
CA ARG B 472 40.03 32.94 -16.13
C ARG B 472 41.09 33.77 -15.47
N LEU B 473 42.30 33.77 -16.04
CA LEU B 473 43.35 34.69 -15.59
C LEU B 473 42.94 36.16 -15.89
N ALA B 474 42.32 36.40 -17.05
CA ALA B 474 41.85 37.74 -17.39
C ALA B 474 40.74 38.26 -16.47
N ALA B 475 39.79 37.39 -16.14
CA ALA B 475 38.69 37.74 -15.19
C ALA B 475 39.24 38.05 -13.78
N ALA B 476 40.22 37.26 -13.37
CA ALA B 476 40.84 37.40 -12.08
C ALA B 476 41.73 38.64 -12.03
N LEU B 477 42.49 38.87 -13.10
CA LEU B 477 43.26 40.12 -13.25
C LEU B 477 42.38 41.34 -13.13
N LYS B 478 41.23 41.32 -13.81
CA LYS B 478 40.27 42.44 -13.79
C LYS B 478 39.72 42.66 -12.40
N GLN B 479 39.63 41.57 -11.63
CA GLN B 479 39.19 41.61 -10.24
C GLN B 479 40.30 42.23 -9.36
N ALA B 480 41.55 41.83 -9.61
CA ALA B 480 42.74 42.28 -8.86
C ALA B 480 43.03 43.75 -9.01
N GLN B 481 42.49 44.33 -10.09
CA GLN B 481 42.65 45.74 -10.40
C GLN B 481 41.56 46.56 -9.76
N THR B 482 40.36 45.99 -9.66
CA THR B 482 39.20 46.62 -9.00
C THR B 482 39.46 46.74 -7.49
N THR B 483 40.17 45.76 -6.95
CA THR B 483 40.59 45.75 -5.53
C THR B 483 41.79 46.70 -5.26
N SER B 484 42.51 47.08 -6.31
CA SER B 484 43.61 48.04 -6.20
C SER B 484 43.18 49.46 -6.59
N LEU B 485 41.89 49.63 -6.92
CA LEU B 485 41.32 50.96 -7.28
C LEU B 485 41.28 51.93 -6.10
N GLU B 486 41.27 51.40 -4.87
CA GLU B 486 41.30 52.23 -3.63
C GLU B 486 42.54 53.15 -3.49
N HIS B 487 43.54 52.95 -4.37
CA HIS B 487 44.72 53.81 -4.49
C HIS B 487 44.31 55.17 -5.05
#